data_6OD2
# 
_entry.id   6OD2 
# 
_audit_conform.dict_name       mmcif_pdbx.dic 
_audit_conform.dict_version    5.397 
_audit_conform.dict_location   http://mmcif.pdb.org/dictionaries/ascii/mmcif_pdbx.dic 
# 
loop_
_database_2.database_id 
_database_2.database_code 
_database_2.pdbx_database_accession 
_database_2.pdbx_DOI 
PDB   6OD2         pdb_00006od2 10.2210/pdb6od2/pdb 
WWPDB D_1000240418 ?            ?                   
# 
loop_
_pdbx_audit_revision_history.ordinal 
_pdbx_audit_revision_history.data_content_type 
_pdbx_audit_revision_history.major_revision 
_pdbx_audit_revision_history.minor_revision 
_pdbx_audit_revision_history.revision_date 
1 'Structure model' 1 0 2019-04-24 
2 'Structure model' 1 1 2019-06-12 
3 'Structure model' 1 2 2020-01-01 
4 'Structure model' 1 3 2024-10-23 
# 
_pdbx_audit_revision_details.ordinal             1 
_pdbx_audit_revision_details.revision_ordinal    1 
_pdbx_audit_revision_details.data_content_type   'Structure model' 
_pdbx_audit_revision_details.provider            repository 
_pdbx_audit_revision_details.type                'Initial release' 
_pdbx_audit_revision_details.description         ? 
_pdbx_audit_revision_details.details             ? 
# 
loop_
_pdbx_audit_revision_group.ordinal 
_pdbx_audit_revision_group.revision_ordinal 
_pdbx_audit_revision_group.data_content_type 
_pdbx_audit_revision_group.group 
1 2 'Structure model' 'Data collection'            
2 2 'Structure model' 'Database references'        
3 3 'Structure model' 'Author supporting evidence' 
4 4 'Structure model' 'Data collection'            
5 4 'Structure model' 'Database references'        
6 4 'Structure model' 'Structure summary'          
# 
loop_
_pdbx_audit_revision_category.ordinal 
_pdbx_audit_revision_category.revision_ordinal 
_pdbx_audit_revision_category.data_content_type 
_pdbx_audit_revision_category.category 
1 2 'Structure model' citation                  
2 3 'Structure model' pdbx_audit_support        
3 4 'Structure model' chem_comp_atom            
4 4 'Structure model' chem_comp_bond            
5 4 'Structure model' database_2                
6 4 'Structure model' pdbx_entry_details        
7 4 'Structure model' pdbx_modification_feature 
# 
loop_
_pdbx_audit_revision_item.ordinal 
_pdbx_audit_revision_item.revision_ordinal 
_pdbx_audit_revision_item.data_content_type 
_pdbx_audit_revision_item.item 
1 2 'Structure model' '_citation.journal_abbrev'                 
2 2 'Structure model' '_citation.journal_volume'                 
3 2 'Structure model' '_citation.page_first'                     
4 2 'Structure model' '_citation.page_last'                      
5 3 'Structure model' '_pdbx_audit_support.funding_organization' 
6 4 'Structure model' '_database_2.pdbx_DOI'                     
7 4 'Structure model' '_database_2.pdbx_database_accession'      
# 
_pdbx_database_status.status_code                     REL 
_pdbx_database_status.status_code_sf                  REL 
_pdbx_database_status.status_code_mr                  ? 
_pdbx_database_status.entry_id                        6OD2 
_pdbx_database_status.recvd_initial_deposition_date   2019-03-25 
_pdbx_database_status.SG_entry                        N 
_pdbx_database_status.deposit_site                    RCSB 
_pdbx_database_status.process_site                    RCSB 
_pdbx_database_status.status_code_cs                  ? 
_pdbx_database_status.methods_development_category    ? 
_pdbx_database_status.pdb_format_compatible           Y 
_pdbx_database_status.status_code_nmr_data            ? 
# 
loop_
_audit_author.name 
_audit_author.pdbx_ordinal 
_audit_author.identifier_ORCID 
'Drennan, A.C.'   1 ? 
'Krishna, S.'     2 ? 
'Seeger, M.A.'    3 ? 
'Andreas, M.P.'   4 ? 
'Gardner, J.M.'   5 ? 
'Sether, E.K.R.'  6 ? 
'Jaspersen, S.L.' 7 ? 
'Rayment, I.'     8 ? 
# 
_citation.abstract                  ? 
_citation.abstract_id_CAS           ? 
_citation.book_id_ISBN              ? 
_citation.book_publisher            ? 
_citation.book_publisher_city       ? 
_citation.book_title                ? 
_citation.coordinate_linkage        ? 
_citation.country                   US 
_citation.database_id_Medline       ? 
_citation.details                   ? 
_citation.id                        primary 
_citation.journal_abbrev            Mol.Biol.Cell 
_citation.journal_id_ASTM           ? 
_citation.journal_id_CSD            ? 
_citation.journal_id_ISSN           1939-4586 
_citation.journal_full              ? 
_citation.journal_issue             ? 
_citation.journal_volume            30 
_citation.language                  ? 
_citation.page_first                1505 
_citation.page_last                 1522 
_citation.title                     'Structure and function of Spc42 coiled-coils in yeast centrosome assembly and duplication.' 
_citation.year                      2019 
_citation.database_id_CSD           ? 
_citation.pdbx_database_id_DOI      10.1091/mbc.E19-03-0167 
_citation.pdbx_database_id_PubMed   30969903 
_citation.unpublished_flag          ? 
# 
loop_
_citation_author.citation_id 
_citation_author.name 
_citation_author.ordinal 
_citation_author.identifier_ORCID 
primary 'Drennan, A.C.'   1 ? 
primary 'Krishna, S.'     2 ? 
primary 'Seeger, M.A.'    3 ? 
primary 'Andreas, M.P.'   4 ? 
primary 'Gardner, J.M.'   5 ? 
primary 'Sether, E.K.R.'  6 ? 
primary 'Jaspersen, S.L.' 7 ? 
primary 'Rayment, I.'     8 ? 
# 
loop_
_entity.id 
_entity.type 
_entity.src_method 
_entity.pdbx_description 
_entity.formula_weight 
_entity.pdbx_number_of_molecules 
_entity.pdbx_ec 
_entity.pdbx_mutation 
_entity.pdbx_fragment 
_entity.details 
1 polymer man 'Spindle pole body component SPC42' 6575.931 1  ? ? ? ? 
2 water   nat water                               18.015   10 ? ? ? ? 
# 
_entity_poly.entity_id                      1 
_entity_poly.type                           'polypeptide(L)' 
_entity_poly.nstd_linkage                   no 
_entity_poly.nstd_monomer                   yes 
_entity_poly.pdbx_seq_one_letter_code       'SDDDI(MSE)(MSE)YESAELKRVEEEIEELKRKILVRKKHDLRKLSLNNQLQELQS(MSE)(MSE)DG' 
_entity_poly.pdbx_seq_one_letter_code_can   SDDDIMMYESAELKRVEEEIEELKRKILVRKKHDLRKLSLNNQLQELQSMMDG 
_entity_poly.pdbx_strand_id                 A 
_entity_poly.pdbx_target_identifier         ? 
# 
_pdbx_entity_nonpoly.entity_id   2 
_pdbx_entity_nonpoly.name        water 
_pdbx_entity_nonpoly.comp_id     HOH 
# 
loop_
_entity_poly_seq.entity_id 
_entity_poly_seq.num 
_entity_poly_seq.mon_id 
_entity_poly_seq.hetero 
1 1  SER n 
1 2  ASP n 
1 3  ASP n 
1 4  ASP n 
1 5  ILE n 
1 6  MSE n 
1 7  MSE n 
1 8  TYR n 
1 9  GLU n 
1 10 SER n 
1 11 ALA n 
1 12 GLU n 
1 13 LEU n 
1 14 LYS n 
1 15 ARG n 
1 16 VAL n 
1 17 GLU n 
1 18 GLU n 
1 19 GLU n 
1 20 ILE n 
1 21 GLU n 
1 22 GLU n 
1 23 LEU n 
1 24 LYS n 
1 25 ARG n 
1 26 LYS n 
1 27 ILE n 
1 28 LEU n 
1 29 VAL n 
1 30 ARG n 
1 31 LYS n 
1 32 LYS n 
1 33 HIS n 
1 34 ASP n 
1 35 LEU n 
1 36 ARG n 
1 37 LYS n 
1 38 LEU n 
1 39 SER n 
1 40 LEU n 
1 41 ASN n 
1 42 ASN n 
1 43 GLN n 
1 44 LEU n 
1 45 GLN n 
1 46 GLU n 
1 47 LEU n 
1 48 GLN n 
1 49 SER n 
1 50 MSE n 
1 51 MSE n 
1 52 ASP n 
1 53 GLY n 
# 
_entity_src_gen.entity_id                          1 
_entity_src_gen.pdbx_src_id                        1 
_entity_src_gen.pdbx_alt_source_flag               sample 
_entity_src_gen.pdbx_seq_type                      'Biological sequence' 
_entity_src_gen.pdbx_beg_seq_num                   1 
_entity_src_gen.pdbx_end_seq_num                   53 
_entity_src_gen.gene_src_common_name               
;Baker's yeast
;
_entity_src_gen.gene_src_genus                     ? 
_entity_src_gen.pdbx_gene_src_gene                 'SPC42, FOSTERSB_2873' 
_entity_src_gen.gene_src_species                   ? 
_entity_src_gen.gene_src_strain                    FostersB 
_entity_src_gen.gene_src_tissue                    ? 
_entity_src_gen.gene_src_tissue_fraction           ? 
_entity_src_gen.gene_src_details                   ? 
_entity_src_gen.pdbx_gene_src_fragment             ? 
_entity_src_gen.pdbx_gene_src_scientific_name      'Saccharomyces cerevisiae (strain FostersB)' 
_entity_src_gen.pdbx_gene_src_ncbi_taxonomy_id     764102 
_entity_src_gen.pdbx_gene_src_variant              ? 
_entity_src_gen.pdbx_gene_src_cell_line            ? 
_entity_src_gen.pdbx_gene_src_atcc                 ? 
_entity_src_gen.pdbx_gene_src_organ                ? 
_entity_src_gen.pdbx_gene_src_organelle            ? 
_entity_src_gen.pdbx_gene_src_cell                 ? 
_entity_src_gen.pdbx_gene_src_cellular_location    ? 
_entity_src_gen.host_org_common_name               ? 
_entity_src_gen.pdbx_host_org_scientific_name      'Escherichia coli' 
_entity_src_gen.pdbx_host_org_ncbi_taxonomy_id     562 
_entity_src_gen.host_org_genus                     ? 
_entity_src_gen.pdbx_host_org_gene                 ? 
_entity_src_gen.pdbx_host_org_organ                ? 
_entity_src_gen.host_org_species                   ? 
_entity_src_gen.pdbx_host_org_tissue               ? 
_entity_src_gen.pdbx_host_org_tissue_fraction      ? 
_entity_src_gen.pdbx_host_org_strain               ? 
_entity_src_gen.pdbx_host_org_variant              ? 
_entity_src_gen.pdbx_host_org_cell_line            ? 
_entity_src_gen.pdbx_host_org_atcc                 ? 
_entity_src_gen.pdbx_host_org_culture_collection   ? 
_entity_src_gen.pdbx_host_org_cell                 ? 
_entity_src_gen.pdbx_host_org_organelle            ? 
_entity_src_gen.pdbx_host_org_cellular_location    ? 
_entity_src_gen.pdbx_host_org_vector_type          ? 
_entity_src_gen.pdbx_host_org_vector               ? 
_entity_src_gen.host_org_details                   ? 
_entity_src_gen.expression_system_id               ? 
_entity_src_gen.plasmid_name                       ? 
_entity_src_gen.plasmid_details                    ? 
_entity_src_gen.pdbx_description                   ? 
# 
loop_
_chem_comp.id 
_chem_comp.type 
_chem_comp.mon_nstd_flag 
_chem_comp.name 
_chem_comp.pdbx_synonyms 
_chem_comp.formula 
_chem_comp.formula_weight 
ALA 'L-peptide linking' y ALANINE          ? 'C3 H7 N O2'     89.093  
ARG 'L-peptide linking' y ARGININE         ? 'C6 H15 N4 O2 1' 175.209 
ASN 'L-peptide linking' y ASPARAGINE       ? 'C4 H8 N2 O3'    132.118 
ASP 'L-peptide linking' y 'ASPARTIC ACID'  ? 'C4 H7 N O4'     133.103 
GLN 'L-peptide linking' y GLUTAMINE        ? 'C5 H10 N2 O3'   146.144 
GLU 'L-peptide linking' y 'GLUTAMIC ACID'  ? 'C5 H9 N O4'     147.129 
GLY 'peptide linking'   y GLYCINE          ? 'C2 H5 N O2'     75.067  
HIS 'L-peptide linking' y HISTIDINE        ? 'C6 H10 N3 O2 1' 156.162 
HOH non-polymer         . WATER            ? 'H2 O'           18.015  
ILE 'L-peptide linking' y ISOLEUCINE       ? 'C6 H13 N O2'    131.173 
LEU 'L-peptide linking' y LEUCINE          ? 'C6 H13 N O2'    131.173 
LYS 'L-peptide linking' y LYSINE           ? 'C6 H15 N2 O2 1' 147.195 
MSE 'L-peptide linking' n SELENOMETHIONINE ? 'C5 H11 N O2 Se' 196.106 
SER 'L-peptide linking' y SERINE           ? 'C3 H7 N O3'     105.093 
TYR 'L-peptide linking' y TYROSINE         ? 'C9 H11 N O3'    181.189 
VAL 'L-peptide linking' y VALINE           ? 'C5 H11 N O2'    117.146 
# 
loop_
_pdbx_poly_seq_scheme.asym_id 
_pdbx_poly_seq_scheme.entity_id 
_pdbx_poly_seq_scheme.seq_id 
_pdbx_poly_seq_scheme.mon_id 
_pdbx_poly_seq_scheme.ndb_seq_num 
_pdbx_poly_seq_scheme.pdb_seq_num 
_pdbx_poly_seq_scheme.auth_seq_num 
_pdbx_poly_seq_scheme.pdb_mon_id 
_pdbx_poly_seq_scheme.auth_mon_id 
_pdbx_poly_seq_scheme.pdb_strand_id 
_pdbx_poly_seq_scheme.pdb_ins_code 
_pdbx_poly_seq_scheme.hetero 
A 1 1  SER 1  246 246 SER SER A . n 
A 1 2  ASP 2  247 247 ASP ASP A . n 
A 1 3  ASP 3  248 248 ASP ASP A . n 
A 1 4  ASP 4  249 249 ASP ASP A . n 
A 1 5  ILE 5  250 250 ILE ILE A . n 
A 1 6  MSE 6  251 251 MSE MSE A . n 
A 1 7  MSE 7  252 252 MSE MSE A . n 
A 1 8  TYR 8  253 253 TYR TYR A . n 
A 1 9  GLU 9  254 254 GLU GLU A . n 
A 1 10 SER 10 255 255 SER SER A . n 
A 1 11 ALA 11 256 256 ALA ALA A . n 
A 1 12 GLU 12 257 257 GLU GLU A . n 
A 1 13 LEU 13 258 258 LEU LEU A . n 
A 1 14 LYS 14 259 259 LYS LYS A . n 
A 1 15 ARG 15 260 260 ARG ARG A . n 
A 1 16 VAL 16 261 261 VAL VAL A . n 
A 1 17 GLU 17 262 262 GLU GLU A . n 
A 1 18 GLU 18 263 263 GLU GLU A . n 
A 1 19 GLU 19 264 264 GLU GLU A . n 
A 1 20 ILE 20 265 265 ILE ILE A . n 
A 1 21 GLU 21 266 266 GLU GLU A . n 
A 1 22 GLU 22 267 267 GLU GLU A . n 
A 1 23 LEU 23 268 268 LEU LEU A . n 
A 1 24 LYS 24 269 269 LYS LYS A . n 
A 1 25 ARG 25 270 270 ARG ARG A . n 
A 1 26 LYS 26 271 271 LYS LYS A . n 
A 1 27 ILE 27 272 272 ILE ILE A . n 
A 1 28 LEU 28 273 273 LEU LEU A . n 
A 1 29 VAL 29 274 274 VAL VAL A . n 
A 1 30 ARG 30 275 275 ARG ARG A . n 
A 1 31 LYS 31 276 276 LYS LYS A . n 
A 1 32 LYS 32 277 277 LYS LYS A . n 
A 1 33 HIS 33 278 278 HIS HIS A . n 
A 1 34 ASP 34 279 279 ASP ASP A . n 
A 1 35 LEU 35 280 280 LEU LEU A . n 
A 1 36 ARG 36 281 281 ARG ARG A . n 
A 1 37 LYS 37 282 282 LYS LYS A . n 
A 1 38 LEU 38 283 283 LEU LEU A . n 
A 1 39 SER 39 284 284 SER SER A . n 
A 1 40 LEU 40 285 285 LEU LEU A . n 
A 1 41 ASN 41 286 286 ASN ASN A . n 
A 1 42 ASN 42 287 287 ASN ASN A . n 
A 1 43 GLN 43 288 288 GLN GLN A . n 
A 1 44 LEU 44 289 289 LEU LEU A . n 
A 1 45 GLN 45 290 290 GLN GLN A . n 
A 1 46 GLU 46 291 291 GLU GLU A . n 
A 1 47 LEU 47 292 292 LEU LEU A . n 
A 1 48 GLN 48 293 293 GLN GLN A . n 
A 1 49 SER 49 294 294 SER SER A . n 
A 1 50 MSE 50 295 295 MSE MSE A . n 
A 1 51 MSE 51 296 296 MSE MSE A . n 
A 1 52 ASP 52 297 297 ASP ASP A . n 
A 1 53 GLY 53 298 298 GLY GLY A . n 
# 
loop_
_pdbx_nonpoly_scheme.asym_id 
_pdbx_nonpoly_scheme.entity_id 
_pdbx_nonpoly_scheme.mon_id 
_pdbx_nonpoly_scheme.ndb_seq_num 
_pdbx_nonpoly_scheme.pdb_seq_num 
_pdbx_nonpoly_scheme.auth_seq_num 
_pdbx_nonpoly_scheme.pdb_mon_id 
_pdbx_nonpoly_scheme.auth_mon_id 
_pdbx_nonpoly_scheme.pdb_strand_id 
_pdbx_nonpoly_scheme.pdb_ins_code 
B 2 HOH 1  301 2  HOH HOH A . 
B 2 HOH 2  302 11 HOH HOH A . 
B 2 HOH 3  303 3  HOH HOH A . 
B 2 HOH 4  304 1  HOH HOH A . 
B 2 HOH 5  305 9  HOH HOH A . 
B 2 HOH 6  306 4  HOH HOH A . 
B 2 HOH 7  307 13 HOH HOH A . 
B 2 HOH 8  308 10 HOH HOH A . 
B 2 HOH 9  309 7  HOH HOH A . 
B 2 HOH 10 310 8  HOH HOH A . 
# 
loop_
_software.citation_id 
_software.classification 
_software.compiler_name 
_software.compiler_version 
_software.contact_author 
_software.contact_author_email 
_software.date 
_software.description 
_software.dependencies 
_software.hardware 
_software.language 
_software.location 
_software.mods 
_software.name 
_software.os 
_software.os_version 
_software.type 
_software.version 
_software.pdbx_ordinal 
? refinement        ? ? ? ? ? ? ? ? ? ? ? PHENIX      ? ? ? 1.14_3260 1 
? 'data reduction'  ? ? ? ? ? ? ? ? ? ? ? HKL-2000    ? ? ? .         2 
? 'data scaling'    ? ? ? ? ? ? ? ? ? ? ? HKL-2000    ? ? ? .         3 
? 'data extraction' ? ? ? ? ? ? ? ? ? ? ? PDB_EXTRACT ? ? ? 3.24      4 
? phasing           ? ? ? ? ? ? ? ? ? ? ? CRANK2      ? ? ? .         5 
? 'model building'  ? ? ? ? ? ? ? ? ? ? ? Coot        ? ? ? .         6 
# 
_cell.angle_alpha                  90.000 
_cell.angle_alpha_esd              ? 
_cell.angle_beta                   90.000 
_cell.angle_beta_esd               ? 
_cell.angle_gamma                  120.000 
_cell.angle_gamma_esd              ? 
_cell.entry_id                     6OD2 
_cell.details                      ? 
_cell.formula_units_Z              ? 
_cell.length_a                     36.499 
_cell.length_a_esd                 ? 
_cell.length_b                     36.499 
_cell.length_b_esd                 ? 
_cell.length_c                     206.004 
_cell.length_c_esd                 ? 
_cell.volume                       ? 
_cell.volume_esd                   ? 
_cell.Z_PDB                        12 
_cell.reciprocal_angle_alpha       ? 
_cell.reciprocal_angle_beta        ? 
_cell.reciprocal_angle_gamma       ? 
_cell.reciprocal_angle_alpha_esd   ? 
_cell.reciprocal_angle_beta_esd    ? 
_cell.reciprocal_angle_gamma_esd   ? 
_cell.reciprocal_length_a          ? 
_cell.reciprocal_length_b          ? 
_cell.reciprocal_length_c          ? 
_cell.reciprocal_length_a_esd      ? 
_cell.reciprocal_length_b_esd      ? 
_cell.reciprocal_length_c_esd      ? 
_cell.pdbx_unique_axis             ? 
# 
_symmetry.entry_id                         6OD2 
_symmetry.cell_setting                     ? 
_symmetry.Int_Tables_number                179 
_symmetry.space_group_name_Hall            ? 
_symmetry.space_group_name_H-M             'P 65 2 2' 
_symmetry.pdbx_full_space_group_name_H-M   ? 
# 
_exptl.absorpt_coefficient_mu     ? 
_exptl.absorpt_correction_T_max   ? 
_exptl.absorpt_correction_T_min   ? 
_exptl.absorpt_correction_type    ? 
_exptl.absorpt_process_details    ? 
_exptl.entry_id                   6OD2 
_exptl.crystals_number            1 
_exptl.details                    ? 
_exptl.method                     'X-RAY DIFFRACTION' 
_exptl.method_details             ? 
# 
_exptl_crystal.colour                      ? 
_exptl_crystal.density_diffrn              ? 
_exptl_crystal.density_Matthews            3.01 
_exptl_crystal.density_method              ? 
_exptl_crystal.density_percent_sol         59.16 
_exptl_crystal.description                 ? 
_exptl_crystal.F_000                       ? 
_exptl_crystal.id                          1 
_exptl_crystal.preparation                 ? 
_exptl_crystal.size_max                    ? 
_exptl_crystal.size_mid                    ? 
_exptl_crystal.size_min                    ? 
_exptl_crystal.size_rad                    ? 
_exptl_crystal.colour_lustre               ? 
_exptl_crystal.colour_modifier             ? 
_exptl_crystal.colour_primary              ? 
_exptl_crystal.density_meas                ? 
_exptl_crystal.density_meas_esd            ? 
_exptl_crystal.density_meas_gt             ? 
_exptl_crystal.density_meas_lt             ? 
_exptl_crystal.density_meas_temp           ? 
_exptl_crystal.density_meas_temp_esd       ? 
_exptl_crystal.density_meas_temp_gt        ? 
_exptl_crystal.density_meas_temp_lt        ? 
_exptl_crystal.pdbx_crystal_image_url      ? 
_exptl_crystal.pdbx_crystal_image_format   ? 
_exptl_crystal.pdbx_mosaicity              ? 
_exptl_crystal.pdbx_mosaicity_esd          ? 
# 
_exptl_crystal_grow.apparatus       ? 
_exptl_crystal_grow.atmosphere      ? 
_exptl_crystal_grow.crystal_id      1 
_exptl_crystal_grow.details         ? 
_exptl_crystal_grow.method          'VAPOR DIFFUSION, HANGING DROP' 
_exptl_crystal_grow.method_ref      ? 
_exptl_crystal_grow.pH              6.0 
_exptl_crystal_grow.pressure        ? 
_exptl_crystal_grow.pressure_esd    ? 
_exptl_crystal_grow.seeding         ? 
_exptl_crystal_grow.seeding_ref     ? 
_exptl_crystal_grow.temp            293 
_exptl_crystal_grow.temp_details    ? 
_exptl_crystal_grow.temp_esd        ? 
_exptl_crystal_grow.time            ? 
_exptl_crystal_grow.pdbx_details    
;Crystals were grown from a 1:1 mixture of 12 mg/ml protein stored in 20 mM HEPES pH 7.6, 100 mM NaCl, 0.5 mM TCEP and a well solution containing 80 mM MES pH 6.0, 60% (w/v) MPD, 200 mM NaCl.
;
_exptl_crystal_grow.pdbx_pH_range   ? 
# 
_diffrn.ambient_environment              ? 
_diffrn.ambient_temp                     100 
_diffrn.ambient_temp_details             ? 
_diffrn.ambient_temp_esd                 ? 
_diffrn.crystal_id                       1 
_diffrn.crystal_support                  ? 
_diffrn.crystal_treatment                ? 
_diffrn.details                          ? 
_diffrn.id                               1 
_diffrn.ambient_pressure                 ? 
_diffrn.ambient_pressure_esd             ? 
_diffrn.ambient_pressure_gt              ? 
_diffrn.ambient_pressure_lt              ? 
_diffrn.ambient_temp_gt                  ? 
_diffrn.ambient_temp_lt                  ? 
_diffrn.pdbx_serial_crystal_experiment   N 
# 
_diffrn_detector.details                      ? 
_diffrn_detector.detector                     PIXEL 
_diffrn_detector.diffrn_id                    1 
_diffrn_detector.type                         'DECTRIS PILATUS3 X 6M' 
_diffrn_detector.area_resol_mean              ? 
_diffrn_detector.dtime                        ? 
_diffrn_detector.pdbx_frames_total            ? 
_diffrn_detector.pdbx_collection_time_total   ? 
_diffrn_detector.pdbx_collection_date         2016-04-08 
_diffrn_detector.pdbx_frequency               ? 
# 
_diffrn_radiation.collimation                      ? 
_diffrn_radiation.diffrn_id                        1 
_diffrn_radiation.filter_edge                      ? 
_diffrn_radiation.inhomogeneity                    ? 
_diffrn_radiation.monochromator                    ? 
_diffrn_radiation.polarisn_norm                    ? 
_diffrn_radiation.polarisn_ratio                   ? 
_diffrn_radiation.probe                            ? 
_diffrn_radiation.type                             ? 
_diffrn_radiation.xray_symbol                      ? 
_diffrn_radiation.wavelength_id                    1 
_diffrn_radiation.pdbx_monochromatic_or_laue_m_l   M 
_diffrn_radiation.pdbx_wavelength_list             ? 
_diffrn_radiation.pdbx_wavelength                  ? 
_diffrn_radiation.pdbx_diffrn_protocol             'SINGLE WAVELENGTH' 
_diffrn_radiation.pdbx_analyzer                    ? 
_diffrn_radiation.pdbx_scattering_type             x-ray 
# 
_diffrn_radiation_wavelength.id           1 
_diffrn_radiation_wavelength.wavelength   0.97915 
_diffrn_radiation_wavelength.wt           1.0 
# 
_diffrn_source.current                     ? 
_diffrn_source.details                     ? 
_diffrn_source.diffrn_id                   1 
_diffrn_source.power                       ? 
_diffrn_source.size                        ? 
_diffrn_source.source                      SYNCHROTRON 
_diffrn_source.target                      ? 
_diffrn_source.type                        'APS BEAMLINE 19-ID' 
_diffrn_source.voltage                     ? 
_diffrn_source.take-off_angle              ? 
_diffrn_source.pdbx_wavelength_list        0.97915 
_diffrn_source.pdbx_wavelength             ? 
_diffrn_source.pdbx_synchrotron_beamline   19-ID 
_diffrn_source.pdbx_synchrotron_site       APS 
# 
_reflns.B_iso_Wilson_estimate            ? 
_reflns.entry_id                         6OD2 
_reflns.data_reduction_details           ? 
_reflns.data_reduction_method            ? 
_reflns.d_resolution_high                2.400 
_reflns.d_resolution_low                 50.000 
_reflns.details                          ? 
_reflns.limit_h_max                      ? 
_reflns.limit_h_min                      ? 
_reflns.limit_k_max                      ? 
_reflns.limit_k_min                      ? 
_reflns.limit_l_max                      ? 
_reflns.limit_l_min                      ? 
_reflns.number_all                       ? 
_reflns.number_obs                       3577 
_reflns.observed_criterion               ? 
_reflns.observed_criterion_F_max         ? 
_reflns.observed_criterion_F_min         ? 
_reflns.observed_criterion_I_max         ? 
_reflns.observed_criterion_I_min         ? 
_reflns.observed_criterion_sigma_F       ? 
_reflns.observed_criterion_sigma_I       ? 
_reflns.percent_possible_obs             99.400 
_reflns.R_free_details                   ? 
_reflns.Rmerge_F_all                     ? 
_reflns.Rmerge_F_obs                     ? 
_reflns.Friedel_coverage                 ? 
_reflns.number_gt                        ? 
_reflns.threshold_expression             ? 
_reflns.pdbx_redundancy                  18.700 
_reflns.pdbx_Rmerge_I_obs                0.120 
_reflns.pdbx_Rmerge_I_all                ? 
_reflns.pdbx_Rsym_value                  ? 
_reflns.pdbx_netI_over_av_sigmaI         ? 
_reflns.pdbx_netI_over_sigmaI            7.100 
_reflns.pdbx_res_netI_over_av_sigmaI_2   ? 
_reflns.pdbx_res_netI_over_sigmaI_2      ? 
_reflns.pdbx_chi_squared                 0.980 
_reflns.pdbx_scaling_rejects             ? 
_reflns.pdbx_d_res_high_opt              ? 
_reflns.pdbx_d_res_low_opt               ? 
_reflns.pdbx_d_res_opt_method            ? 
_reflns.phase_calculation_details        ? 
_reflns.pdbx_Rrim_I_all                  0.124 
_reflns.pdbx_Rpim_I_all                  0.028 
_reflns.pdbx_d_opt                       ? 
_reflns.pdbx_number_measured_all         ? 
_reflns.pdbx_diffrn_id                   1 
_reflns.pdbx_ordinal                     1 
_reflns.pdbx_CC_half                     ? 
_reflns.pdbx_R_split                     ? 
# 
loop_
_reflns_shell.d_res_high 
_reflns_shell.d_res_low 
_reflns_shell.meanI_over_sigI_all 
_reflns_shell.meanI_over_sigI_obs 
_reflns_shell.number_measured_all 
_reflns_shell.number_measured_obs 
_reflns_shell.number_possible 
_reflns_shell.number_unique_all 
_reflns_shell.number_unique_obs 
_reflns_shell.percent_possible_all 
_reflns_shell.percent_possible_obs 
_reflns_shell.Rmerge_F_all 
_reflns_shell.Rmerge_F_obs 
_reflns_shell.Rmerge_I_all 
_reflns_shell.Rmerge_I_obs 
_reflns_shell.meanI_over_sigI_gt 
_reflns_shell.meanI_over_uI_all 
_reflns_shell.meanI_over_uI_gt 
_reflns_shell.number_measured_gt 
_reflns_shell.number_unique_gt 
_reflns_shell.percent_possible_gt 
_reflns_shell.Rmerge_F_gt 
_reflns_shell.Rmerge_I_gt 
_reflns_shell.pdbx_redundancy 
_reflns_shell.pdbx_Rsym_value 
_reflns_shell.pdbx_chi_squared 
_reflns_shell.pdbx_netI_over_sigmaI_all 
_reflns_shell.pdbx_netI_over_sigmaI_obs 
_reflns_shell.pdbx_Rrim_I_all 
_reflns_shell.pdbx_Rpim_I_all 
_reflns_shell.pdbx_rejects 
_reflns_shell.pdbx_ordinal 
_reflns_shell.pdbx_diffrn_id 
_reflns_shell.pdbx_CC_half 
_reflns_shell.pdbx_R_split 
2.400 2.440  ? ? ? ? ? ? 150 97.400  ? ? ? ? 0.494 ? ? ? ? ? ? ? ? 8.700  ? 0.833 ? ? 0.521 0.156 ? 1  1 0.938 ? 
2.440 2.490  ? ? ? ? ? ? 166 99.400  ? ? ? ? 0.469 ? ? ? ? ? ? ? ? 9.700  ? 0.866 ? ? 0.492 0.145 ? 2  1 0.954 ? 
2.490 2.530  ? ? ? ? ? ? 169 100.000 ? ? ? ? 0.462 ? ? ? ? ? ? ? ? 12.700 ? 0.842 ? ? 0.481 0.131 ? 3  1 0.986 ? 
2.530 2.590  ? ? ? ? ? ? 180 100.000 ? ? ? ? 0.507 ? ? ? ? ? ? ? ? 13.900 ? 0.864 ? ? 0.525 0.136 ? 4  1 0.976 ? 
2.590 2.640  ? ? ? ? ? ? 162 99.400  ? ? ? ? 0.445 ? ? ? ? ? ? ? ? 16.000 ? 0.871 ? ? 0.460 0.114 ? 5  1 0.992 ? 
2.640 2.700  ? ? ? ? ? ? 170 100.000 ? ? ? ? 0.359 ? ? ? ? ? ? ? ? 18.100 ? 0.842 ? ? 0.369 0.085 ? 6  1 0.993 ? 
2.700 2.770  ? ? ? ? ? ? 173 100.000 ? ? ? ? 0.389 ? ? ? ? ? ? ? ? 19.500 ? 0.863 ? ? 0.400 0.092 ? 7  1 0.979 ? 
2.770 2.850  ? ? ? ? ? ? 161 98.800  ? ? ? ? 0.305 ? ? ? ? ? ? ? ? 19.100 ? 0.862 ? ? 0.314 0.072 ? 8  1 0.992 ? 
2.850 2.930  ? ? ? ? ? ? 164 98.800  ? ? ? ? 0.275 ? ? ? ? ? ? ? ? 18.700 ? 0.953 ? ? 0.283 0.067 ? 9  1 0.993 ? 
2.930 3.020  ? ? ? ? ? ? 191 100.000 ? ? ? ? 0.238 ? ? ? ? ? ? ? ? 22.200 ? 1.008 ? ? 0.244 0.054 ? 10 1 0.991 ? 
3.020 3.130  ? ? ? ? ? ? 168 100.000 ? ? ? ? 0.229 ? ? ? ? ? ? ? ? 21.900 ? 1.051 ? ? 0.235 0.052 ? 11 1 0.996 ? 
3.130 3.260  ? ? ? ? ? ? 180 100.000 ? ? ? ? 0.233 ? ? ? ? ? ? ? ? 23.900 ? 1.141 ? ? 0.238 0.049 ? 12 1 0.995 ? 
3.260 3.410  ? ? ? ? ? ? 169 100.000 ? ? ? ? 0.191 ? ? ? ? ? ? ? ? 22.000 ? 1.134 ? ? 0.196 0.042 ? 13 1 0.996 ? 
3.410 3.580  ? ? ? ? ? ? 189 100.000 ? ? ? ? 0.168 ? ? ? ? ? ? ? ? 21.800 ? 1.211 ? ? 0.172 0.036 ? 14 1 0.996 ? 
3.580 3.810  ? ? ? ? ? ? 175 100.000 ? ? ? ? 0.144 ? ? ? ? ? ? ? ? 19.500 ? 1.213 ? ? 0.149 0.035 ? 15 1 0.990 ? 
3.810 4.100  ? ? ? ? ? ? 180 100.000 ? ? ? ? 0.132 ? ? ? ? ? ? ? ? 22.600 ? 1.146 ? ? 0.135 0.029 ? 16 1 0.996 ? 
4.100 4.520  ? ? ? ? ? ? 205 100.000 ? ? ? ? 0.117 ? ? ? ? ? ? ? ? 21.700 ? 1.042 ? ? 0.120 0.027 ? 17 1 0.996 ? 
4.520 5.170  ? ? ? ? ? ? 184 99.500  ? ? ? ? 0.103 ? ? ? ? ? ? ? ? 22.000 ? 0.921 ? ? 0.107 0.025 ? 18 1 0.998 ? 
5.170 6.510  ? ? ? ? ? ? 196 98.500  ? ? ? ? 0.102 ? ? ? ? ? ? ? ? 19.500 ? 0.831 ? ? 0.105 0.024 ? 19 1 0.997 ? 
6.510 50.000 ? ? ? ? ? ? 245 97.200  ? ? ? ? 0.079 ? ? ? ? ? ? ? ? 17.200 ? 0.715 ? ? 0.082 0.019 ? 20 1 0.998 ? 
# 
_refine.aniso_B[1][1]                            ? 
_refine.aniso_B[1][2]                            ? 
_refine.aniso_B[1][3]                            ? 
_refine.aniso_B[2][2]                            ? 
_refine.aniso_B[2][3]                            ? 
_refine.aniso_B[3][3]                            ? 
_refine.B_iso_max                                117.230 
_refine.B_iso_mean                               41.4613 
_refine.B_iso_min                                7.100 
_refine.correlation_coeff_Fo_to_Fc               ? 
_refine.correlation_coeff_Fo_to_Fc_free          ? 
_refine.details                                  ? 
_refine.diff_density_max                         ? 
_refine.diff_density_max_esd                     ? 
_refine.diff_density_min                         ? 
_refine.diff_density_min_esd                     ? 
_refine.diff_density_rms                         ? 
_refine.diff_density_rms_esd                     ? 
_refine.entry_id                                 6OD2 
_refine.pdbx_refine_id                           'X-RAY DIFFRACTION' 
_refine.ls_abs_structure_details                 ? 
_refine.ls_abs_structure_Flack                   ? 
_refine.ls_abs_structure_Flack_esd               ? 
_refine.ls_abs_structure_Rogers                  ? 
_refine.ls_abs_structure_Rogers_esd              ? 
_refine.ls_d_res_high                            2.4350 
_refine.ls_d_res_low                             31.6090 
_refine.ls_extinction_coef                       ? 
_refine.ls_extinction_coef_esd                   ? 
_refine.ls_extinction_expression                 ? 
_refine.ls_extinction_method                     ? 
_refine.ls_goodness_of_fit_all                   ? 
_refine.ls_goodness_of_fit_all_esd               ? 
_refine.ls_goodness_of_fit_obs                   ? 
_refine.ls_goodness_of_fit_obs_esd               ? 
_refine.ls_hydrogen_treatment                    ? 
_refine.ls_matrix_type                           ? 
_refine.ls_number_constraints                    ? 
_refine.ls_number_parameters                     ? 
_refine.ls_number_reflns_all                     ? 
_refine.ls_number_reflns_obs                     3105 
_refine.ls_number_reflns_R_free                  156 
_refine.ls_number_reflns_R_work                  ? 
_refine.ls_number_restraints                     ? 
_refine.ls_percent_reflns_obs                    87.8900 
_refine.ls_percent_reflns_R_free                 5.0200 
_refine.ls_R_factor_all                          ? 
_refine.ls_R_factor_obs                          0.2174 
_refine.ls_R_factor_R_free                       0.2641 
_refine.ls_R_factor_R_free_error                 ? 
_refine.ls_R_factor_R_free_error_details         ? 
_refine.ls_R_factor_R_work                       0.2148 
_refine.ls_R_Fsqd_factor_obs                     ? 
_refine.ls_R_I_factor_obs                        ? 
_refine.ls_redundancy_reflns_all                 ? 
_refine.ls_redundancy_reflns_obs                 ? 
_refine.ls_restrained_S_all                      ? 
_refine.ls_restrained_S_obs                      ? 
_refine.ls_shift_over_esd_max                    ? 
_refine.ls_shift_over_esd_mean                   ? 
_refine.ls_structure_factor_coef                 ? 
_refine.ls_weighting_details                     ? 
_refine.ls_weighting_scheme                      ? 
_refine.ls_wR_factor_all                         ? 
_refine.ls_wR_factor_obs                         ? 
_refine.ls_wR_factor_R_free                      ? 
_refine.ls_wR_factor_R_work                      ? 
_refine.occupancy_max                            ? 
_refine.occupancy_min                            ? 
_refine.solvent_model_details                    ? 
_refine.solvent_model_param_bsol                 ? 
_refine.solvent_model_param_ksol                 ? 
_refine.ls_R_factor_gt                           ? 
_refine.ls_goodness_of_fit_gt                    ? 
_refine.ls_goodness_of_fit_ref                   ? 
_refine.ls_shift_over_su_max                     ? 
_refine.ls_shift_over_su_max_lt                  ? 
_refine.ls_shift_over_su_mean                    ? 
_refine.ls_shift_over_su_mean_lt                 ? 
_refine.pdbx_ls_sigma_I                          ? 
_refine.pdbx_ls_sigma_F                          1.370 
_refine.pdbx_ls_sigma_Fsqd                       ? 
_refine.pdbx_data_cutoff_high_absF               ? 
_refine.pdbx_data_cutoff_high_rms_absF           ? 
_refine.pdbx_data_cutoff_low_absF                ? 
_refine.pdbx_isotropic_thermal_model             ? 
_refine.pdbx_ls_cross_valid_method               THROUGHOUT 
_refine.pdbx_method_to_determine_struct          SAD 
_refine.pdbx_starting_model                      ? 
_refine.pdbx_stereochemistry_target_values       ? 
_refine.pdbx_R_Free_selection_details            ? 
_refine.pdbx_stereochem_target_val_spec_case     ? 
_refine.pdbx_overall_ESU_R                       ? 
_refine.pdbx_overall_ESU_R_Free                  ? 
_refine.pdbx_solvent_vdw_probe_radii             1.1100 
_refine.pdbx_solvent_ion_probe_radii             ? 
_refine.pdbx_solvent_shrinkage_radii             0.9000 
_refine.pdbx_real_space_R                        ? 
_refine.pdbx_density_correlation                 ? 
_refine.pdbx_pd_number_of_powder_patterns        ? 
_refine.pdbx_pd_number_of_points                 ? 
_refine.pdbx_pd_meas_number_of_points            ? 
_refine.pdbx_pd_proc_ls_prof_R_factor            ? 
_refine.pdbx_pd_proc_ls_prof_wR_factor           ? 
_refine.pdbx_pd_Marquardt_correlation_coeff      ? 
_refine.pdbx_pd_Fsqrd_R_factor                   ? 
_refine.pdbx_pd_ls_matrix_band_width             ? 
_refine.pdbx_overall_phase_error                 17.9700 
_refine.pdbx_overall_SU_R_free_Cruickshank_DPI   ? 
_refine.pdbx_overall_SU_R_free_Blow_DPI          ? 
_refine.pdbx_overall_SU_R_Blow_DPI               ? 
_refine.pdbx_TLS_residual_ADP_flag               ? 
_refine.pdbx_diffrn_id                           1 
_refine.overall_SU_B                             ? 
_refine.overall_SU_ML                            0.1500 
_refine.overall_SU_R_Cruickshank_DPI             ? 
_refine.overall_SU_R_free                        ? 
_refine.overall_FOM_free_R_set                   ? 
_refine.overall_FOM_work_R_set                   ? 
_refine.pdbx_average_fsc_overall                 ? 
_refine.pdbx_average_fsc_work                    ? 
_refine.pdbx_average_fsc_free                    ? 
# 
_refine_hist.pdbx_refine_id                   'X-RAY DIFFRACTION' 
_refine_hist.cycle_id                         final 
_refine_hist.details                          ? 
_refine_hist.d_res_high                       2.4350 
_refine_hist.d_res_low                        31.6090 
_refine_hist.number_atoms_solvent             10 
_refine_hist.number_atoms_total               452 
_refine_hist.number_reflns_all                ? 
_refine_hist.number_reflns_obs                ? 
_refine_hist.number_reflns_R_free             ? 
_refine_hist.number_reflns_R_work             ? 
_refine_hist.R_factor_all                     ? 
_refine_hist.R_factor_obs                     ? 
_refine_hist.R_factor_R_free                  ? 
_refine_hist.R_factor_R_work                  ? 
_refine_hist.pdbx_number_residues_total       53 
_refine_hist.pdbx_B_iso_mean_ligand           ? 
_refine_hist.pdbx_B_iso_mean_solvent          39.34 
_refine_hist.pdbx_number_atoms_protein        442 
_refine_hist.pdbx_number_atoms_nucleic_acid   0 
_refine_hist.pdbx_number_atoms_ligand         0 
_refine_hist.pdbx_number_atoms_lipid          ? 
_refine_hist.pdbx_number_atoms_carb           ? 
_refine_hist.pdbx_pseudo_atom_details         ? 
# 
_refine_ls_shell.pdbx_refine_id                   'X-RAY DIFFRACTION' 
_refine_ls_shell.d_res_high                       2.4353 
_refine_ls_shell.d_res_low                        31.6117 
_refine_ls_shell.number_reflns_all                3105 
_refine_ls_shell.number_reflns_obs                ? 
_refine_ls_shell.number_reflns_R_free             156 
_refine_ls_shell.number_reflns_R_work             2949 
_refine_ls_shell.percent_reflns_obs               88.0000 
_refine_ls_shell.percent_reflns_R_free            ? 
_refine_ls_shell.R_factor_all                     ? 
_refine_ls_shell.R_factor_obs                     ? 
_refine_ls_shell.R_factor_R_free                  0.2641 
_refine_ls_shell.R_factor_R_free_error            0.0000 
_refine_ls_shell.R_factor_R_work                  0.2148 
_refine_ls_shell.redundancy_reflns_all            ? 
_refine_ls_shell.redundancy_reflns_obs            ? 
_refine_ls_shell.wR_factor_all                    ? 
_refine_ls_shell.wR_factor_obs                    ? 
_refine_ls_shell.wR_factor_R_free                 ? 
_refine_ls_shell.wR_factor_R_work                 ? 
_refine_ls_shell.pdbx_total_number_of_bins_used   1 
_refine_ls_shell.pdbx_phase_error                 ? 
_refine_ls_shell.pdbx_fsc_work                    ? 
_refine_ls_shell.pdbx_fsc_free                    ? 
# 
_struct.entry_id                     6OD2 
_struct.title                        'Yeast Spc42 C-terminal Antiparallel Coiled-Coil' 
_struct.pdbx_model_details           ? 
_struct.pdbx_formula_weight          ? 
_struct.pdbx_formula_weight_method   ? 
_struct.pdbx_model_type_details      ? 
_struct.pdbx_CASP_flag               N 
# 
_struct_keywords.entry_id        6OD2 
_struct_keywords.text            'Coiled-Coil, Spindle Pole Body, STRUCTURAL PROTEIN' 
_struct_keywords.pdbx_keywords   'STRUCTURAL PROTEIN' 
# 
loop_
_struct_asym.id 
_struct_asym.pdbx_blank_PDB_chainid_flag 
_struct_asym.pdbx_modified 
_struct_asym.entity_id 
_struct_asym.details 
A N N 1 ? 
B N N 2 ? 
# 
_struct_ref.id                         1 
_struct_ref.db_name                    UNP 
_struct_ref.db_code                    SPC42_YEASB 
_struct_ref.pdbx_db_accession          E7Q664 
_struct_ref.pdbx_db_isoform            ? 
_struct_ref.entity_id                  1 
_struct_ref.pdbx_seq_one_letter_code   SDDDIMMYESAELKRVEEEIEELKRKILVRKKHDLRKLSLNNQLQELQSMMDG 
_struct_ref.pdbx_align_begin           246 
# 
_struct_ref_seq.align_id                      1 
_struct_ref_seq.ref_id                        1 
_struct_ref_seq.pdbx_PDB_id_code              6OD2 
_struct_ref_seq.pdbx_strand_id                A 
_struct_ref_seq.seq_align_beg                 1 
_struct_ref_seq.pdbx_seq_align_beg_ins_code   ? 
_struct_ref_seq.seq_align_end                 53 
_struct_ref_seq.pdbx_seq_align_end_ins_code   ? 
_struct_ref_seq.pdbx_db_accession             E7Q664 
_struct_ref_seq.db_align_beg                  246 
_struct_ref_seq.pdbx_db_align_beg_ins_code    ? 
_struct_ref_seq.db_align_end                  298 
_struct_ref_seq.pdbx_db_align_end_ins_code    ? 
_struct_ref_seq.pdbx_auth_seq_align_beg       246 
_struct_ref_seq.pdbx_auth_seq_align_end       298 
# 
_pdbx_struct_assembly.id                   1 
_pdbx_struct_assembly.details              author_and_software_defined_assembly 
_pdbx_struct_assembly.method_details       PISA 
_pdbx_struct_assembly.oligomeric_details   monomeric 
_pdbx_struct_assembly.oligomeric_count     1 
# 
loop_
_pdbx_struct_assembly_prop.biol_id 
_pdbx_struct_assembly_prop.type 
_pdbx_struct_assembly_prop.value 
_pdbx_struct_assembly_prop.details 
1 'ABSA (A^2)' 0    ? 
1 MORE         0    ? 
1 'SSA (A^2)'  5440 ? 
# 
_pdbx_struct_assembly_gen.assembly_id       1 
_pdbx_struct_assembly_gen.oper_expression   1 
_pdbx_struct_assembly_gen.asym_id_list      A,B 
# 
_pdbx_struct_assembly_auth_evidence.id                     1 
_pdbx_struct_assembly_auth_evidence.assembly_id            1 
_pdbx_struct_assembly_auth_evidence.experimental_support   none 
_pdbx_struct_assembly_auth_evidence.details                ? 
# 
_pdbx_struct_oper_list.id                   1 
_pdbx_struct_oper_list.type                 'identity operation' 
_pdbx_struct_oper_list.name                 1_555 
_pdbx_struct_oper_list.symmetry_operation   x,y,z 
_pdbx_struct_oper_list.matrix[1][1]         1.0000000000 
_pdbx_struct_oper_list.matrix[1][2]         0.0000000000 
_pdbx_struct_oper_list.matrix[1][3]         0.0000000000 
_pdbx_struct_oper_list.vector[1]            0.0000000000 
_pdbx_struct_oper_list.matrix[2][1]         0.0000000000 
_pdbx_struct_oper_list.matrix[2][2]         1.0000000000 
_pdbx_struct_oper_list.matrix[2][3]         0.0000000000 
_pdbx_struct_oper_list.vector[2]            0.0000000000 
_pdbx_struct_oper_list.matrix[3][1]         0.0000000000 
_pdbx_struct_oper_list.matrix[3][2]         0.0000000000 
_pdbx_struct_oper_list.matrix[3][3]         1.0000000000 
_pdbx_struct_oper_list.vector[3]            0.0000000000 
# 
_struct_conf.conf_type_id            HELX_P 
_struct_conf.id                      HELX_P1 
_struct_conf.pdbx_PDB_helix_id       AA1 
_struct_conf.beg_label_comp_id       SER 
_struct_conf.beg_label_asym_id       A 
_struct_conf.beg_label_seq_id        1 
_struct_conf.pdbx_beg_PDB_ins_code   ? 
_struct_conf.end_label_comp_id       GLY 
_struct_conf.end_label_asym_id       A 
_struct_conf.end_label_seq_id        53 
_struct_conf.pdbx_end_PDB_ins_code   ? 
_struct_conf.beg_auth_comp_id        SER 
_struct_conf.beg_auth_asym_id        A 
_struct_conf.beg_auth_seq_id         246 
_struct_conf.end_auth_comp_id        GLY 
_struct_conf.end_auth_asym_id        A 
_struct_conf.end_auth_seq_id         298 
_struct_conf.pdbx_PDB_helix_class    1 
_struct_conf.details                 ? 
_struct_conf.pdbx_PDB_helix_length   53 
# 
_struct_conf_type.id          HELX_P 
_struct_conf_type.criteria    ? 
_struct_conf_type.reference   ? 
# 
loop_
_struct_conn.id 
_struct_conn.conn_type_id 
_struct_conn.pdbx_leaving_atom_flag 
_struct_conn.pdbx_PDB_id 
_struct_conn.ptnr1_label_asym_id 
_struct_conn.ptnr1_label_comp_id 
_struct_conn.ptnr1_label_seq_id 
_struct_conn.ptnr1_label_atom_id 
_struct_conn.pdbx_ptnr1_label_alt_id 
_struct_conn.pdbx_ptnr1_PDB_ins_code 
_struct_conn.pdbx_ptnr1_standard_comp_id 
_struct_conn.ptnr1_symmetry 
_struct_conn.ptnr2_label_asym_id 
_struct_conn.ptnr2_label_comp_id 
_struct_conn.ptnr2_label_seq_id 
_struct_conn.ptnr2_label_atom_id 
_struct_conn.pdbx_ptnr2_label_alt_id 
_struct_conn.pdbx_ptnr2_PDB_ins_code 
_struct_conn.ptnr1_auth_asym_id 
_struct_conn.ptnr1_auth_comp_id 
_struct_conn.ptnr1_auth_seq_id 
_struct_conn.ptnr2_auth_asym_id 
_struct_conn.ptnr2_auth_comp_id 
_struct_conn.ptnr2_auth_seq_id 
_struct_conn.ptnr2_symmetry 
_struct_conn.pdbx_ptnr3_label_atom_id 
_struct_conn.pdbx_ptnr3_label_seq_id 
_struct_conn.pdbx_ptnr3_label_comp_id 
_struct_conn.pdbx_ptnr3_label_asym_id 
_struct_conn.pdbx_ptnr3_label_alt_id 
_struct_conn.pdbx_ptnr3_PDB_ins_code 
_struct_conn.details 
_struct_conn.pdbx_dist_value 
_struct_conn.pdbx_value_order 
_struct_conn.pdbx_role 
covale1 covale both ? A ILE 5  C ? ? ? 1_555 A MSE 6  N ? ? A ILE 250 A MSE 251 1_555 ? ? ? ? ? ? ? 1.330 ? ? 
covale2 covale both ? A MSE 6  C ? ? ? 1_555 A MSE 7  N A ? A MSE 251 A MSE 252 1_555 ? ? ? ? ? ? ? 1.331 ? ? 
covale3 covale both ? A MSE 6  C ? ? ? 1_555 A MSE 7  N B ? A MSE 251 A MSE 252 1_555 ? ? ? ? ? ? ? 1.329 ? ? 
covale4 covale both ? A MSE 7  C A ? ? 1_555 A TYR 8  N ? ? A MSE 252 A TYR 253 1_555 ? ? ? ? ? ? ? 1.336 ? ? 
covale5 covale both ? A MSE 7  C B ? ? 1_555 A TYR 8  N ? ? A MSE 252 A TYR 253 1_555 ? ? ? ? ? ? ? 1.336 ? ? 
covale6 covale both ? A SER 49 C ? ? ? 1_555 A MSE 50 N ? ? A SER 294 A MSE 295 1_555 ? ? ? ? ? ? ? 1.325 ? ? 
covale7 covale both ? A MSE 50 C ? ? ? 1_555 A MSE 51 N ? ? A MSE 295 A MSE 296 1_555 ? ? ? ? ? ? ? 1.327 ? ? 
covale8 covale both ? A MSE 51 C ? ? ? 1_555 A ASP 52 N ? ? A MSE 296 A ASP 297 1_555 ? ? ? ? ? ? ? 1.343 ? ? 
# 
_struct_conn_type.id          covale 
_struct_conn_type.criteria    ? 
_struct_conn_type.reference   ? 
# 
loop_
_pdbx_modification_feature.ordinal 
_pdbx_modification_feature.label_comp_id 
_pdbx_modification_feature.label_asym_id 
_pdbx_modification_feature.label_seq_id 
_pdbx_modification_feature.label_alt_id 
_pdbx_modification_feature.modified_residue_label_comp_id 
_pdbx_modification_feature.modified_residue_label_asym_id 
_pdbx_modification_feature.modified_residue_label_seq_id 
_pdbx_modification_feature.modified_residue_label_alt_id 
_pdbx_modification_feature.auth_comp_id 
_pdbx_modification_feature.auth_asym_id 
_pdbx_modification_feature.auth_seq_id 
_pdbx_modification_feature.PDB_ins_code 
_pdbx_modification_feature.symmetry 
_pdbx_modification_feature.modified_residue_auth_comp_id 
_pdbx_modification_feature.modified_residue_auth_asym_id 
_pdbx_modification_feature.modified_residue_auth_seq_id 
_pdbx_modification_feature.modified_residue_PDB_ins_code 
_pdbx_modification_feature.modified_residue_symmetry 
_pdbx_modification_feature.comp_id_linking_atom 
_pdbx_modification_feature.modified_residue_id_linking_atom 
_pdbx_modification_feature.modified_residue_id 
_pdbx_modification_feature.ref_pcm_id 
_pdbx_modification_feature.ref_comp_id 
_pdbx_modification_feature.type 
_pdbx_modification_feature.category 
1 MSE A 6  ? . . . . MSE A 251 ? 1_555 . . . . . . . MET 1 MSE Selenomethionine 'Named protein modification' 
2 MSE A 7  A . . . . MSE A 252 ? 1_555 . . . . . . . MET 1 MSE Selenomethionine 'Named protein modification' 
3 MSE A 7  B . . . . MSE A 252 ? 1_555 . . . . . . . MET 1 MSE Selenomethionine 'Named protein modification' 
4 MSE A 50 ? . . . . MSE A 295 ? 1_555 . . . . . . . MET 1 MSE Selenomethionine 'Named protein modification' 
5 MSE A 51 ? . . . . MSE A 296 ? 1_555 . . . . . . . MET 1 MSE Selenomethionine 'Named protein modification' 
# 
_pdbx_entry_details.entry_id                   6OD2 
_pdbx_entry_details.compound_details           ? 
_pdbx_entry_details.source_details             ? 
_pdbx_entry_details.nonpolymer_details         ? 
_pdbx_entry_details.sequence_details           ? 
_pdbx_entry_details.has_ligand_of_interest     ? 
_pdbx_entry_details.has_protein_modification   Y 
# 
loop_
_pdbx_struct_mod_residue.id 
_pdbx_struct_mod_residue.label_asym_id 
_pdbx_struct_mod_residue.label_comp_id 
_pdbx_struct_mod_residue.label_seq_id 
_pdbx_struct_mod_residue.auth_asym_id 
_pdbx_struct_mod_residue.auth_comp_id 
_pdbx_struct_mod_residue.auth_seq_id 
_pdbx_struct_mod_residue.PDB_ins_code 
_pdbx_struct_mod_residue.parent_comp_id 
_pdbx_struct_mod_residue.details 
1 A MSE 6  A MSE 251 ? MET 'modified residue' 
2 A MSE 7  A MSE 252 ? MET 'modified residue' 
3 A MSE 50 A MSE 295 ? MET 'modified residue' 
4 A MSE 51 A MSE 296 ? MET 'modified residue' 
# 
_phasing.method   SAD 
# 
loop_
_chem_comp_atom.comp_id 
_chem_comp_atom.atom_id 
_chem_comp_atom.type_symbol 
_chem_comp_atom.pdbx_aromatic_flag 
_chem_comp_atom.pdbx_stereo_config 
_chem_comp_atom.pdbx_ordinal 
ALA N    N  N N 1   
ALA CA   C  N S 2   
ALA C    C  N N 3   
ALA O    O  N N 4   
ALA CB   C  N N 5   
ALA OXT  O  N N 6   
ALA H    H  N N 7   
ALA H2   H  N N 8   
ALA HA   H  N N 9   
ALA HB1  H  N N 10  
ALA HB2  H  N N 11  
ALA HB3  H  N N 12  
ALA HXT  H  N N 13  
ARG N    N  N N 14  
ARG CA   C  N S 15  
ARG C    C  N N 16  
ARG O    O  N N 17  
ARG CB   C  N N 18  
ARG CG   C  N N 19  
ARG CD   C  N N 20  
ARG NE   N  N N 21  
ARG CZ   C  N N 22  
ARG NH1  N  N N 23  
ARG NH2  N  N N 24  
ARG OXT  O  N N 25  
ARG H    H  N N 26  
ARG H2   H  N N 27  
ARG HA   H  N N 28  
ARG HB2  H  N N 29  
ARG HB3  H  N N 30  
ARG HG2  H  N N 31  
ARG HG3  H  N N 32  
ARG HD2  H  N N 33  
ARG HD3  H  N N 34  
ARG HE   H  N N 35  
ARG HH11 H  N N 36  
ARG HH12 H  N N 37  
ARG HH21 H  N N 38  
ARG HH22 H  N N 39  
ARG HXT  H  N N 40  
ASN N    N  N N 41  
ASN CA   C  N S 42  
ASN C    C  N N 43  
ASN O    O  N N 44  
ASN CB   C  N N 45  
ASN CG   C  N N 46  
ASN OD1  O  N N 47  
ASN ND2  N  N N 48  
ASN OXT  O  N N 49  
ASN H    H  N N 50  
ASN H2   H  N N 51  
ASN HA   H  N N 52  
ASN HB2  H  N N 53  
ASN HB3  H  N N 54  
ASN HD21 H  N N 55  
ASN HD22 H  N N 56  
ASN HXT  H  N N 57  
ASP N    N  N N 58  
ASP CA   C  N S 59  
ASP C    C  N N 60  
ASP O    O  N N 61  
ASP CB   C  N N 62  
ASP CG   C  N N 63  
ASP OD1  O  N N 64  
ASP OD2  O  N N 65  
ASP OXT  O  N N 66  
ASP H    H  N N 67  
ASP H2   H  N N 68  
ASP HA   H  N N 69  
ASP HB2  H  N N 70  
ASP HB3  H  N N 71  
ASP HD2  H  N N 72  
ASP HXT  H  N N 73  
GLN N    N  N N 74  
GLN CA   C  N S 75  
GLN C    C  N N 76  
GLN O    O  N N 77  
GLN CB   C  N N 78  
GLN CG   C  N N 79  
GLN CD   C  N N 80  
GLN OE1  O  N N 81  
GLN NE2  N  N N 82  
GLN OXT  O  N N 83  
GLN H    H  N N 84  
GLN H2   H  N N 85  
GLN HA   H  N N 86  
GLN HB2  H  N N 87  
GLN HB3  H  N N 88  
GLN HG2  H  N N 89  
GLN HG3  H  N N 90  
GLN HE21 H  N N 91  
GLN HE22 H  N N 92  
GLN HXT  H  N N 93  
GLU N    N  N N 94  
GLU CA   C  N S 95  
GLU C    C  N N 96  
GLU O    O  N N 97  
GLU CB   C  N N 98  
GLU CG   C  N N 99  
GLU CD   C  N N 100 
GLU OE1  O  N N 101 
GLU OE2  O  N N 102 
GLU OXT  O  N N 103 
GLU H    H  N N 104 
GLU H2   H  N N 105 
GLU HA   H  N N 106 
GLU HB2  H  N N 107 
GLU HB3  H  N N 108 
GLU HG2  H  N N 109 
GLU HG3  H  N N 110 
GLU HE2  H  N N 111 
GLU HXT  H  N N 112 
GLY N    N  N N 113 
GLY CA   C  N N 114 
GLY C    C  N N 115 
GLY O    O  N N 116 
GLY OXT  O  N N 117 
GLY H    H  N N 118 
GLY H2   H  N N 119 
GLY HA2  H  N N 120 
GLY HA3  H  N N 121 
GLY HXT  H  N N 122 
HIS N    N  N N 123 
HIS CA   C  N S 124 
HIS C    C  N N 125 
HIS O    O  N N 126 
HIS CB   C  N N 127 
HIS CG   C  Y N 128 
HIS ND1  N  Y N 129 
HIS CD2  C  Y N 130 
HIS CE1  C  Y N 131 
HIS NE2  N  Y N 132 
HIS OXT  O  N N 133 
HIS H    H  N N 134 
HIS H2   H  N N 135 
HIS HA   H  N N 136 
HIS HB2  H  N N 137 
HIS HB3  H  N N 138 
HIS HD1  H  N N 139 
HIS HD2  H  N N 140 
HIS HE1  H  N N 141 
HIS HE2  H  N N 142 
HIS HXT  H  N N 143 
HOH O    O  N N 144 
HOH H1   H  N N 145 
HOH H2   H  N N 146 
ILE N    N  N N 147 
ILE CA   C  N S 148 
ILE C    C  N N 149 
ILE O    O  N N 150 
ILE CB   C  N S 151 
ILE CG1  C  N N 152 
ILE CG2  C  N N 153 
ILE CD1  C  N N 154 
ILE OXT  O  N N 155 
ILE H    H  N N 156 
ILE H2   H  N N 157 
ILE HA   H  N N 158 
ILE HB   H  N N 159 
ILE HG12 H  N N 160 
ILE HG13 H  N N 161 
ILE HG21 H  N N 162 
ILE HG22 H  N N 163 
ILE HG23 H  N N 164 
ILE HD11 H  N N 165 
ILE HD12 H  N N 166 
ILE HD13 H  N N 167 
ILE HXT  H  N N 168 
LEU N    N  N N 169 
LEU CA   C  N S 170 
LEU C    C  N N 171 
LEU O    O  N N 172 
LEU CB   C  N N 173 
LEU CG   C  N N 174 
LEU CD1  C  N N 175 
LEU CD2  C  N N 176 
LEU OXT  O  N N 177 
LEU H    H  N N 178 
LEU H2   H  N N 179 
LEU HA   H  N N 180 
LEU HB2  H  N N 181 
LEU HB3  H  N N 182 
LEU HG   H  N N 183 
LEU HD11 H  N N 184 
LEU HD12 H  N N 185 
LEU HD13 H  N N 186 
LEU HD21 H  N N 187 
LEU HD22 H  N N 188 
LEU HD23 H  N N 189 
LEU HXT  H  N N 190 
LYS N    N  N N 191 
LYS CA   C  N S 192 
LYS C    C  N N 193 
LYS O    O  N N 194 
LYS CB   C  N N 195 
LYS CG   C  N N 196 
LYS CD   C  N N 197 
LYS CE   C  N N 198 
LYS NZ   N  N N 199 
LYS OXT  O  N N 200 
LYS H    H  N N 201 
LYS H2   H  N N 202 
LYS HA   H  N N 203 
LYS HB2  H  N N 204 
LYS HB3  H  N N 205 
LYS HG2  H  N N 206 
LYS HG3  H  N N 207 
LYS HD2  H  N N 208 
LYS HD3  H  N N 209 
LYS HE2  H  N N 210 
LYS HE3  H  N N 211 
LYS HZ1  H  N N 212 
LYS HZ2  H  N N 213 
LYS HZ3  H  N N 214 
LYS HXT  H  N N 215 
MSE N    N  N N 216 
MSE CA   C  N S 217 
MSE C    C  N N 218 
MSE O    O  N N 219 
MSE OXT  O  N N 220 
MSE CB   C  N N 221 
MSE CG   C  N N 222 
MSE SE   SE N N 223 
MSE CE   C  N N 224 
MSE H    H  N N 225 
MSE H2   H  N N 226 
MSE HA   H  N N 227 
MSE HXT  H  N N 228 
MSE HB2  H  N N 229 
MSE HB3  H  N N 230 
MSE HG2  H  N N 231 
MSE HG3  H  N N 232 
MSE HE1  H  N N 233 
MSE HE2  H  N N 234 
MSE HE3  H  N N 235 
SER N    N  N N 236 
SER CA   C  N S 237 
SER C    C  N N 238 
SER O    O  N N 239 
SER CB   C  N N 240 
SER OG   O  N N 241 
SER OXT  O  N N 242 
SER H    H  N N 243 
SER H2   H  N N 244 
SER HA   H  N N 245 
SER HB2  H  N N 246 
SER HB3  H  N N 247 
SER HG   H  N N 248 
SER HXT  H  N N 249 
TYR N    N  N N 250 
TYR CA   C  N S 251 
TYR C    C  N N 252 
TYR O    O  N N 253 
TYR CB   C  N N 254 
TYR CG   C  Y N 255 
TYR CD1  C  Y N 256 
TYR CD2  C  Y N 257 
TYR CE1  C  Y N 258 
TYR CE2  C  Y N 259 
TYR CZ   C  Y N 260 
TYR OH   O  N N 261 
TYR OXT  O  N N 262 
TYR H    H  N N 263 
TYR H2   H  N N 264 
TYR HA   H  N N 265 
TYR HB2  H  N N 266 
TYR HB3  H  N N 267 
TYR HD1  H  N N 268 
TYR HD2  H  N N 269 
TYR HE1  H  N N 270 
TYR HE2  H  N N 271 
TYR HH   H  N N 272 
TYR HXT  H  N N 273 
VAL N    N  N N 274 
VAL CA   C  N S 275 
VAL C    C  N N 276 
VAL O    O  N N 277 
VAL CB   C  N N 278 
VAL CG1  C  N N 279 
VAL CG2  C  N N 280 
VAL OXT  O  N N 281 
VAL H    H  N N 282 
VAL H2   H  N N 283 
VAL HA   H  N N 284 
VAL HB   H  N N 285 
VAL HG11 H  N N 286 
VAL HG12 H  N N 287 
VAL HG13 H  N N 288 
VAL HG21 H  N N 289 
VAL HG22 H  N N 290 
VAL HG23 H  N N 291 
VAL HXT  H  N N 292 
# 
loop_
_chem_comp_bond.comp_id 
_chem_comp_bond.atom_id_1 
_chem_comp_bond.atom_id_2 
_chem_comp_bond.value_order 
_chem_comp_bond.pdbx_aromatic_flag 
_chem_comp_bond.pdbx_stereo_config 
_chem_comp_bond.pdbx_ordinal 
ALA N   CA   sing N N 1   
ALA N   H    sing N N 2   
ALA N   H2   sing N N 3   
ALA CA  C    sing N N 4   
ALA CA  CB   sing N N 5   
ALA CA  HA   sing N N 6   
ALA C   O    doub N N 7   
ALA C   OXT  sing N N 8   
ALA CB  HB1  sing N N 9   
ALA CB  HB2  sing N N 10  
ALA CB  HB3  sing N N 11  
ALA OXT HXT  sing N N 12  
ARG N   CA   sing N N 13  
ARG N   H    sing N N 14  
ARG N   H2   sing N N 15  
ARG CA  C    sing N N 16  
ARG CA  CB   sing N N 17  
ARG CA  HA   sing N N 18  
ARG C   O    doub N N 19  
ARG C   OXT  sing N N 20  
ARG CB  CG   sing N N 21  
ARG CB  HB2  sing N N 22  
ARG CB  HB3  sing N N 23  
ARG CG  CD   sing N N 24  
ARG CG  HG2  sing N N 25  
ARG CG  HG3  sing N N 26  
ARG CD  NE   sing N N 27  
ARG CD  HD2  sing N N 28  
ARG CD  HD3  sing N N 29  
ARG NE  CZ   sing N N 30  
ARG NE  HE   sing N N 31  
ARG CZ  NH1  sing N N 32  
ARG CZ  NH2  doub N N 33  
ARG NH1 HH11 sing N N 34  
ARG NH1 HH12 sing N N 35  
ARG NH2 HH21 sing N N 36  
ARG NH2 HH22 sing N N 37  
ARG OXT HXT  sing N N 38  
ASN N   CA   sing N N 39  
ASN N   H    sing N N 40  
ASN N   H2   sing N N 41  
ASN CA  C    sing N N 42  
ASN CA  CB   sing N N 43  
ASN CA  HA   sing N N 44  
ASN C   O    doub N N 45  
ASN C   OXT  sing N N 46  
ASN CB  CG   sing N N 47  
ASN CB  HB2  sing N N 48  
ASN CB  HB3  sing N N 49  
ASN CG  OD1  doub N N 50  
ASN CG  ND2  sing N N 51  
ASN ND2 HD21 sing N N 52  
ASN ND2 HD22 sing N N 53  
ASN OXT HXT  sing N N 54  
ASP N   CA   sing N N 55  
ASP N   H    sing N N 56  
ASP N   H2   sing N N 57  
ASP CA  C    sing N N 58  
ASP CA  CB   sing N N 59  
ASP CA  HA   sing N N 60  
ASP C   O    doub N N 61  
ASP C   OXT  sing N N 62  
ASP CB  CG   sing N N 63  
ASP CB  HB2  sing N N 64  
ASP CB  HB3  sing N N 65  
ASP CG  OD1  doub N N 66  
ASP CG  OD2  sing N N 67  
ASP OD2 HD2  sing N N 68  
ASP OXT HXT  sing N N 69  
GLN N   CA   sing N N 70  
GLN N   H    sing N N 71  
GLN N   H2   sing N N 72  
GLN CA  C    sing N N 73  
GLN CA  CB   sing N N 74  
GLN CA  HA   sing N N 75  
GLN C   O    doub N N 76  
GLN C   OXT  sing N N 77  
GLN CB  CG   sing N N 78  
GLN CB  HB2  sing N N 79  
GLN CB  HB3  sing N N 80  
GLN CG  CD   sing N N 81  
GLN CG  HG2  sing N N 82  
GLN CG  HG3  sing N N 83  
GLN CD  OE1  doub N N 84  
GLN CD  NE2  sing N N 85  
GLN NE2 HE21 sing N N 86  
GLN NE2 HE22 sing N N 87  
GLN OXT HXT  sing N N 88  
GLU N   CA   sing N N 89  
GLU N   H    sing N N 90  
GLU N   H2   sing N N 91  
GLU CA  C    sing N N 92  
GLU CA  CB   sing N N 93  
GLU CA  HA   sing N N 94  
GLU C   O    doub N N 95  
GLU C   OXT  sing N N 96  
GLU CB  CG   sing N N 97  
GLU CB  HB2  sing N N 98  
GLU CB  HB3  sing N N 99  
GLU CG  CD   sing N N 100 
GLU CG  HG2  sing N N 101 
GLU CG  HG3  sing N N 102 
GLU CD  OE1  doub N N 103 
GLU CD  OE2  sing N N 104 
GLU OE2 HE2  sing N N 105 
GLU OXT HXT  sing N N 106 
GLY N   CA   sing N N 107 
GLY N   H    sing N N 108 
GLY N   H2   sing N N 109 
GLY CA  C    sing N N 110 
GLY CA  HA2  sing N N 111 
GLY CA  HA3  sing N N 112 
GLY C   O    doub N N 113 
GLY C   OXT  sing N N 114 
GLY OXT HXT  sing N N 115 
HIS N   CA   sing N N 116 
HIS N   H    sing N N 117 
HIS N   H2   sing N N 118 
HIS CA  C    sing N N 119 
HIS CA  CB   sing N N 120 
HIS CA  HA   sing N N 121 
HIS C   O    doub N N 122 
HIS C   OXT  sing N N 123 
HIS CB  CG   sing N N 124 
HIS CB  HB2  sing N N 125 
HIS CB  HB3  sing N N 126 
HIS CG  ND1  sing Y N 127 
HIS CG  CD2  doub Y N 128 
HIS ND1 CE1  doub Y N 129 
HIS ND1 HD1  sing N N 130 
HIS CD2 NE2  sing Y N 131 
HIS CD2 HD2  sing N N 132 
HIS CE1 NE2  sing Y N 133 
HIS CE1 HE1  sing N N 134 
HIS NE2 HE2  sing N N 135 
HIS OXT HXT  sing N N 136 
HOH O   H1   sing N N 137 
HOH O   H2   sing N N 138 
ILE N   CA   sing N N 139 
ILE N   H    sing N N 140 
ILE N   H2   sing N N 141 
ILE CA  C    sing N N 142 
ILE CA  CB   sing N N 143 
ILE CA  HA   sing N N 144 
ILE C   O    doub N N 145 
ILE C   OXT  sing N N 146 
ILE CB  CG1  sing N N 147 
ILE CB  CG2  sing N N 148 
ILE CB  HB   sing N N 149 
ILE CG1 CD1  sing N N 150 
ILE CG1 HG12 sing N N 151 
ILE CG1 HG13 sing N N 152 
ILE CG2 HG21 sing N N 153 
ILE CG2 HG22 sing N N 154 
ILE CG2 HG23 sing N N 155 
ILE CD1 HD11 sing N N 156 
ILE CD1 HD12 sing N N 157 
ILE CD1 HD13 sing N N 158 
ILE OXT HXT  sing N N 159 
LEU N   CA   sing N N 160 
LEU N   H    sing N N 161 
LEU N   H2   sing N N 162 
LEU CA  C    sing N N 163 
LEU CA  CB   sing N N 164 
LEU CA  HA   sing N N 165 
LEU C   O    doub N N 166 
LEU C   OXT  sing N N 167 
LEU CB  CG   sing N N 168 
LEU CB  HB2  sing N N 169 
LEU CB  HB3  sing N N 170 
LEU CG  CD1  sing N N 171 
LEU CG  CD2  sing N N 172 
LEU CG  HG   sing N N 173 
LEU CD1 HD11 sing N N 174 
LEU CD1 HD12 sing N N 175 
LEU CD1 HD13 sing N N 176 
LEU CD2 HD21 sing N N 177 
LEU CD2 HD22 sing N N 178 
LEU CD2 HD23 sing N N 179 
LEU OXT HXT  sing N N 180 
LYS N   CA   sing N N 181 
LYS N   H    sing N N 182 
LYS N   H2   sing N N 183 
LYS CA  C    sing N N 184 
LYS CA  CB   sing N N 185 
LYS CA  HA   sing N N 186 
LYS C   O    doub N N 187 
LYS C   OXT  sing N N 188 
LYS CB  CG   sing N N 189 
LYS CB  HB2  sing N N 190 
LYS CB  HB3  sing N N 191 
LYS CG  CD   sing N N 192 
LYS CG  HG2  sing N N 193 
LYS CG  HG3  sing N N 194 
LYS CD  CE   sing N N 195 
LYS CD  HD2  sing N N 196 
LYS CD  HD3  sing N N 197 
LYS CE  NZ   sing N N 198 
LYS CE  HE2  sing N N 199 
LYS CE  HE3  sing N N 200 
LYS NZ  HZ1  sing N N 201 
LYS NZ  HZ2  sing N N 202 
LYS NZ  HZ3  sing N N 203 
LYS OXT HXT  sing N N 204 
MSE N   CA   sing N N 205 
MSE N   H    sing N N 206 
MSE N   H2   sing N N 207 
MSE CA  C    sing N N 208 
MSE CA  CB   sing N N 209 
MSE CA  HA   sing N N 210 
MSE C   O    doub N N 211 
MSE C   OXT  sing N N 212 
MSE OXT HXT  sing N N 213 
MSE CB  CG   sing N N 214 
MSE CB  HB2  sing N N 215 
MSE CB  HB3  sing N N 216 
MSE CG  SE   sing N N 217 
MSE CG  HG2  sing N N 218 
MSE CG  HG3  sing N N 219 
MSE SE  CE   sing N N 220 
MSE CE  HE1  sing N N 221 
MSE CE  HE2  sing N N 222 
MSE CE  HE3  sing N N 223 
SER N   CA   sing N N 224 
SER N   H    sing N N 225 
SER N   H2   sing N N 226 
SER CA  C    sing N N 227 
SER CA  CB   sing N N 228 
SER CA  HA   sing N N 229 
SER C   O    doub N N 230 
SER C   OXT  sing N N 231 
SER CB  OG   sing N N 232 
SER CB  HB2  sing N N 233 
SER CB  HB3  sing N N 234 
SER OG  HG   sing N N 235 
SER OXT HXT  sing N N 236 
TYR N   CA   sing N N 237 
TYR N   H    sing N N 238 
TYR N   H2   sing N N 239 
TYR CA  C    sing N N 240 
TYR CA  CB   sing N N 241 
TYR CA  HA   sing N N 242 
TYR C   O    doub N N 243 
TYR C   OXT  sing N N 244 
TYR CB  CG   sing N N 245 
TYR CB  HB2  sing N N 246 
TYR CB  HB3  sing N N 247 
TYR CG  CD1  doub Y N 248 
TYR CG  CD2  sing Y N 249 
TYR CD1 CE1  sing Y N 250 
TYR CD1 HD1  sing N N 251 
TYR CD2 CE2  doub Y N 252 
TYR CD2 HD2  sing N N 253 
TYR CE1 CZ   doub Y N 254 
TYR CE1 HE1  sing N N 255 
TYR CE2 CZ   sing Y N 256 
TYR CE2 HE2  sing N N 257 
TYR CZ  OH   sing N N 258 
TYR OH  HH   sing N N 259 
TYR OXT HXT  sing N N 260 
VAL N   CA   sing N N 261 
VAL N   H    sing N N 262 
VAL N   H2   sing N N 263 
VAL CA  C    sing N N 264 
VAL CA  CB   sing N N 265 
VAL CA  HA   sing N N 266 
VAL C   O    doub N N 267 
VAL C   OXT  sing N N 268 
VAL CB  CG1  sing N N 269 
VAL CB  CG2  sing N N 270 
VAL CB  HB   sing N N 271 
VAL CG1 HG11 sing N N 272 
VAL CG1 HG12 sing N N 273 
VAL CG1 HG13 sing N N 274 
VAL CG2 HG21 sing N N 275 
VAL CG2 HG22 sing N N 276 
VAL CG2 HG23 sing N N 277 
VAL OXT HXT  sing N N 278 
# 
_pdbx_audit_support.funding_organization   
'National Institutes of Health/National Institute of General Medical Sciences (NIH/NIGMS)' 
_pdbx_audit_support.country                'United States' 
_pdbx_audit_support.grant_number           P01GM105537 
_pdbx_audit_support.ordinal                1 
# 
_atom_sites.entry_id                    6OD2 
_atom_sites.fract_transf_matrix[1][1]   -0.02836164 
_atom_sites.fract_transf_matrix[1][2]   -0.00995243 
_atom_sites.fract_transf_matrix[1][3]   -0.00987046 
_atom_sites.fract_transf_matrix[2][1]   -0.00207409 
_atom_sites.fract_transf_matrix[2][2]   -0.02378160 
_atom_sites.fract_transf_matrix[2][3]   -0.02075983 
_atom_sites.fract_transf_matrix[3][1]   -0.00015750 
_atom_sites.fract_transf_matrix[3][2]   -0.00318262 
_atom_sites.fract_transf_matrix[3][3]   0.00366162 
_atom_sites.fract_transf_vector[1]      0.362334 
_atom_sites.fract_transf_vector[2]      0.401838 
_atom_sites.fract_transf_vector[3]      0.041595 
# 
loop_
_atom_type.symbol 
C  
N  
O  
SE 
# 
loop_
_atom_site.group_PDB 
_atom_site.id 
_atom_site.type_symbol 
_atom_site.label_atom_id 
_atom_site.label_alt_id 
_atom_site.label_comp_id 
_atom_site.label_asym_id 
_atom_site.label_entity_id 
_atom_site.label_seq_id 
_atom_site.pdbx_PDB_ins_code 
_atom_site.Cartn_x 
_atom_site.Cartn_y 
_atom_site.Cartn_z 
_atom_site.occupancy 
_atom_site.B_iso_or_equiv 
_atom_site.pdbx_formal_charge 
_atom_site.auth_seq_id 
_atom_site.auth_comp_id 
_atom_site.auth_asym_id 
_atom_site.auth_atom_id 
_atom_site.pdbx_PDB_model_num 
ATOM   1   N  N   . SER A 1 1  ? -8.831  -25.881 29.425  1.00 80.81  ? 246 SER A N   1 
ATOM   2   C  CA  . SER A 1 1  ? -7.932  -24.994 28.692  1.00 92.54  ? 246 SER A CA  1 
ATOM   3   C  C   . SER A 1 1  ? -8.708  -24.020 27.813  1.00 89.97  ? 246 SER A C   1 
ATOM   4   O  O   . SER A 1 1  ? -8.530  -23.997 26.595  1.00 94.33  ? 246 SER A O   1 
ATOM   5   C  CB  . SER A 1 1  ? -6.944  -25.799 27.825  1.00 99.68  ? 246 SER A CB  1 
ATOM   6   O  OG  . SER A 1 1  ? -7.558  -26.332 26.653  1.00 79.67  ? 246 SER A OG  1 
ATOM   7   N  N   . ASP A 1 2  ? -9.578  -23.220 28.424  1.00 99.51  ? 247 ASP A N   1 
ATOM   8   C  CA  . ASP A 1 2  ? -10.225 -22.131 27.706  1.00 87.78  ? 247 ASP A CA  1 
ATOM   9   C  C   . ASP A 1 2  ? -9.461  -20.824 27.810  1.00 79.81  ? 247 ASP A C   1 
ATOM   10  O  O   . ASP A 1 2  ? -9.863  -19.833 27.197  1.00 74.65  ? 247 ASP A O   1 
ATOM   11  C  CB  . ASP A 1 2  ? -11.656 -21.933 28.200  1.00 93.91  ? 247 ASP A CB  1 
ATOM   12  C  CG  . ASP A 1 2  ? -12.655 -22.646 27.335  1.00 107.18 ? 247 ASP A CG  1 
ATOM   13  O  OD1 . ASP A 1 2  ? -12.495 -23.875 27.149  1.00 82.86  ? 247 ASP A OD1 1 
ATOM   14  O  OD2 . ASP A 1 2  ? -13.582 -21.977 26.825  1.00 117.23 ? 247 ASP A OD2 1 
ATOM   15  N  N   . ASP A 1 3  ? -8.381  -20.797 28.574  1.00 99.51  ? 248 ASP A N   1 
ATOM   16  C  CA  . ASP A 1 3  ? -7.449  -19.685 28.550  1.00 97.77  ? 248 ASP A CA  1 
ATOM   17  C  C   . ASP A 1 3  ? -6.176  -20.030 27.798  1.00 62.06  ? 248 ASP A C   1 
ATOM   18  O  O   . ASP A 1 3  ? -5.306  -19.169 27.653  1.00 66.25  ? 248 ASP A O   1 
ATOM   19  C  CB  . ASP A 1 3  ? -7.123  -19.244 29.980  1.00 106.64 ? 248 ASP A CB  1 
ATOM   20  C  CG  . ASP A 1 3  ? -7.346  -17.767 30.191  1.00 101.16 ? 248 ASP A CG  1 
ATOM   21  O  OD1 . ASP A 1 3  ? -6.418  -17.109 30.690  1.00 116.25 ? 248 ASP A OD1 1 
ATOM   22  O  OD2 . ASP A 1 3  ? -8.433  -17.258 29.834  1.00 95.53  ? 248 ASP A OD2 1 
ATOM   23  N  N   . ASP A 1 4  ? -6.039  -21.282 27.356  1.00 88.14  ? 249 ASP A N   1 
ATOM   24  C  CA  . ASP A 1 4  ? -5.094  -21.597 26.295  1.00 55.82  ? 249 ASP A CA  1 
ATOM   25  C  C   . ASP A 1 4  ? -5.637  -21.102 24.961  1.00 54.82  ? 249 ASP A C   1 
ATOM   26  O  O   . ASP A 1 4  ? -4.949  -20.382 24.227  1.00 36.34  ? 249 ASP A O   1 
ATOM   27  C  CB  . ASP A 1 4  ? -4.828  -23.105 26.250  1.00 74.95  ? 249 ASP A CB  1 
ATOM   28  C  CG  . ASP A 1 4  ? -3.449  -23.493 26.797  1.00 88.53  ? 249 ASP A CG  1 
ATOM   29  O  OD1 . ASP A 1 4  ? -3.392  -24.337 27.723  1.00 98.76  ? 249 ASP A OD1 1 
ATOM   30  O  OD2 . ASP A 1 4  ? -2.425  -22.971 26.303  1.00 62.08  ? 249 ASP A OD2 1 
ATOM   31  N  N   . ILE A 1 5  ? -6.897  -21.436 24.657  1.00 28.47  ? 250 ILE A N   1 
ATOM   32  C  CA  . ILE A 1 5  ? -7.490  -20.982 23.402  1.00 36.57  ? 250 ILE A CA  1 
ATOM   33  C  C   . ILE A 1 5  ? -7.454  -19.456 23.306  1.00 47.89  ? 250 ILE A C   1 
ATOM   34  O  O   . ILE A 1 5  ? -7.139  -18.890 22.249  1.00 40.36  ? 250 ILE A O   1 
ATOM   35  C  CB  . ILE A 1 5  ? -8.919  -21.530 23.263  1.00 35.52  ? 250 ILE A CB  1 
ATOM   36  C  CG1 . ILE A 1 5  ? -9.563  -21.034 21.983  1.00 31.88  ? 250 ILE A CG1 1 
ATOM   37  C  CG2 . ILE A 1 5  ? -9.794  -21.078 24.394  1.00 38.04  ? 250 ILE A CG2 1 
ATOM   38  C  CD1 . ILE A 1 5  ? -10.878 -21.733 21.709  1.00 59.44  ? 250 ILE A CD1 1 
HETATM 39  N  N   . MSE A 1 6  ? -7.753  -18.776 24.409  1.00 50.74  ? 251 MSE A N   1 
HETATM 40  C  CA  . MSE A 1 6  ? -7.777  -17.330 24.475  1.00 29.29  ? 251 MSE A CA  1 
HETATM 41  C  C   . MSE A 1 6  ? -6.416  -16.751 24.159  1.00 41.17  ? 251 MSE A C   1 
HETATM 42  O  O   . MSE A 1 6  ? -6.317  -15.709 23.503  1.00 30.84  ? 251 MSE A O   1 
HETATM 43  C  CB  . MSE A 1 6  ? -8.232  -16.877 25.862  1.00 41.01  ? 251 MSE A CB  1 
HETATM 44  C  CG  . MSE A 1 6  ? -9.728  -16.713 25.986  1.00 72.96  ? 251 MSE A CG  1 
HETATM 45  SE SE  . MSE A 1 6  ? -10.206 -14.995 25.252  1.00 66.47  ? 251 MSE A SE  1 
HETATM 46  C  CE  . MSE A 1 6  ? -8.890  -14.005 26.292  1.00 64.04  ? 251 MSE A CE  1 
HETATM 47  N  N   A MSE A 1 7  ? -5.365  -17.421 24.627  0.51 28.36  ? 252 MSE A N   1 
HETATM 48  N  N   B MSE A 1 7  ? -5.365  -17.420 24.625  0.49 28.70  ? 252 MSE A N   1 
HETATM 49  C  CA  A MSE A 1 7  ? -4.005  -16.984 24.337  0.51 33.19  ? 252 MSE A CA  1 
HETATM 50  C  CA  B MSE A 1 7  ? -4.005  -16.982 24.336  0.49 32.05  ? 252 MSE A CA  1 
HETATM 51  C  C   A MSE A 1 7  ? -3.667  -17.173 22.866  0.51 34.93  ? 252 MSE A C   1 
HETATM 52  C  C   B MSE A 1 7  ? -3.666  -17.174 22.865  0.49 34.91  ? 252 MSE A C   1 
HETATM 53  O  O   A MSE A 1 7  ? -2.851  -16.437 22.313  0.51 28.36  ? 252 MSE A O   1 
HETATM 54  O  O   B MSE A 1 7  ? -2.849  -16.439 22.312  0.49 28.09  ? 252 MSE A O   1 
HETATM 55  C  CB  A MSE A 1 7  ? -2.999  -17.742 25.193  0.51 36.67  ? 252 MSE A CB  1 
HETATM 56  C  CB  B MSE A 1 7  ? -2.998  -17.734 25.197  0.49 36.68  ? 252 MSE A CB  1 
HETATM 57  C  CG  A MSE A 1 7  ? -2.891  -17.236 26.619  0.51 64.46  ? 252 MSE A CG  1 
HETATM 58  C  CG  B MSE A 1 7  ? -2.945  -17.269 26.638  0.49 64.42  ? 252 MSE A CG  1 
HETATM 59  SE SE  A MSE A 1 7  ? -2.085  -18.574 27.796  0.51 97.63  ? 252 MSE A SE  1 
HETATM 60  SE SE  B MSE A 1 7  ? -2.122  -18.607 27.801  0.49 97.14  ? 252 MSE A SE  1 
HETATM 61  C  CE  A MSE A 1 7  ? -0.264  -17.873 27.857  0.51 94.88  ? 252 MSE A CE  1 
HETATM 62  C  CE  B MSE A 1 7  ? -0.307  -17.887 27.859  0.49 94.89  ? 252 MSE A CE  1 
ATOM   63  N  N   . TYR A 1 8  ? -4.284  -18.179 22.239  1.00 27.82  ? 253 TYR A N   1 
ATOM   64  C  CA  . TYR A 1 8  ? -4.093  -18.376 20.812  1.00 33.70  ? 253 TYR A CA  1 
ATOM   65  C  C   . TYR A 1 8  ? -4.780  -17.262 20.039  1.00 27.77  ? 253 TYR A C   1 
ATOM   66  O  O   . TYR A 1 8  ? -4.170  -16.634 19.158  1.00 30.89  ? 253 TYR A O   1 
ATOM   67  C  CB  . TYR A 1 8  ? -4.602  -19.763 20.378  1.00 46.64  ? 253 TYR A CB  1 
ATOM   68  C  CG  . TYR A 1 8  ? -3.569  -20.858 20.603  1.00 37.95  ? 253 TYR A CG  1 
ATOM   69  C  CD1 . TYR A 1 8  ? -2.497  -21.001 19.744  1.00 41.25  ? 253 TYR A CD1 1 
ATOM   70  C  CD2 . TYR A 1 8  ? -3.651  -21.730 21.686  1.00 56.69  ? 253 TYR A CD2 1 
ATOM   71  C  CE1 . TYR A 1 8  ? -1.535  -21.972 19.938  1.00 30.47  ? 253 TYR A CE1 1 
ATOM   72  C  CE2 . TYR A 1 8  ? -2.687  -22.708 21.893  1.00 43.62  ? 253 TYR A CE2 1 
ATOM   73  C  CZ  . TYR A 1 8  ? -1.624  -22.817 21.014  1.00 59.15  ? 253 TYR A CZ  1 
ATOM   74  O  OH  . TYR A 1 8  ? -0.643  -23.775 21.188  1.00 45.81  ? 253 TYR A OH  1 
ATOM   75  N  N   . GLU A 1 9  ? -6.035  -16.969 20.388  1.00 29.52  ? 254 GLU A N   1 
ATOM   76  C  CA  . GLU A 1 9  ? -6.747  -15.909 19.684  1.00 32.65  ? 254 GLU A CA  1 
ATOM   77  C  C   . GLU A 1 9  ? -6.048  -14.577 19.870  1.00 27.88  ? 254 GLU A C   1 
ATOM   78  O  O   . GLU A 1 9  ? -5.915  -13.800 18.924  1.00 20.26  ? 254 GLU A O   1 
ATOM   79  C  CB  . GLU A 1 9  ? -8.183  -15.845 20.162  1.00 30.58  ? 254 GLU A CB  1 
ATOM   80  C  CG  . GLU A 1 9  ? -8.925  -17.110 19.851  1.00 46.25  ? 254 GLU A CG  1 
ATOM   81  C  CD  . GLU A 1 9  ? -10.416 -16.904 19.887  1.00 81.50  ? 254 GLU A CD  1 
ATOM   82  O  OE1 . GLU A 1 9  ? -10.837 -15.818 20.349  1.00 65.74  ? 254 GLU A OE1 1 
ATOM   83  O  OE2 . GLU A 1 9  ? -11.153 -17.815 19.444  1.00 78.59  ? 254 GLU A OE2 1 
ATOM   84  N  N   . SER A 1 10 ? -5.521  -14.338 21.065  1.00 28.92  ? 255 SER A N   1 
ATOM   85  C  CA  . SER A 1 10 ? -4.788  -13.112 21.331  1.00 28.01  ? 255 SER A CA  1 
ATOM   86  C  C   . SER A 1 10 ? -3.560  -13.007 20.437  1.00 24.71  ? 255 SER A C   1 
ATOM   87  O  O   . SER A 1 10 ? -3.303  -11.952 19.843  1.00 30.57  ? 255 SER A O   1 
ATOM   88  C  CB  . SER A 1 10 ? -4.433  -13.070 22.823  1.00 21.52  ? 255 SER A CB  1 
ATOM   89  O  OG  . SER A 1 10 ? -3.644  -11.955 23.151  1.00 22.61  ? 255 SER A OG  1 
ATOM   90  N  N   . ALA A 1 11 ? -2.807  -14.098 20.296  1.00 34.37  ? 256 ALA A N   1 
ATOM   91  C  CA  . ALA A 1 11 ? -1.660  -14.106 19.385  1.00 17.60  ? 256 ALA A CA  1 
ATOM   92  C  C   . ALA A 1 11 ? -2.090  -13.924 17.922  1.00 23.97  ? 256 ALA A C   1 
ATOM   93  O  O   . ALA A 1 11 ? -1.457  -13.174 17.174  1.00 20.15  ? 256 ALA A O   1 
ATOM   94  C  CB  . ALA A 1 11 ? -0.891  -15.407 19.560  1.00 18.62  ? 256 ALA A CB  1 
ATOM   95  N  N   . GLU A 1 12 ? -3.174  -14.581 17.494  1.00 23.86  ? 257 GLU A N   1 
ATOM   96  C  CA  . GLU A 1 12 ? -3.632  -14.359 16.129  1.00 26.13  ? 257 GLU A CA  1 
ATOM   97  C  C   . GLU A 1 12 ? -4.064  -12.901 15.896  1.00 39.61  ? 257 GLU A C   1 
ATOM   98  O  O   . GLU A 1 12 ? -3.747  -12.333 14.842  1.00 27.41  ? 257 GLU A O   1 
ATOM   99  C  CB  . GLU A 1 12 ? -4.752  -15.338 15.780  1.00 24.47  ? 257 GLU A CB  1 
ATOM   100 C  CG  . GLU A 1 12 ? -5.316  -15.209 14.328  1.00 48.63  ? 257 GLU A CG  1 
ATOM   101 C  CD  . GLU A 1 12 ? -4.267  -15.257 13.188  1.00 39.75  ? 257 GLU A CD  1 
ATOM   102 O  OE1 . GLU A 1 12 ? -3.046  -15.390 13.436  1.00 33.94  ? 257 GLU A OE1 1 
ATOM   103 O  OE2 . GLU A 1 12 ? -4.677  -15.150 12.012  1.00 36.59  ? 257 GLU A OE2 1 
ATOM   104 N  N   . LEU A 1 13 ? -4.749  -12.261 16.871  1.00 20.74  ? 258 LEU A N   1 
ATOM   105 C  CA  . LEU A 1 13 ? -5.117  -10.851 16.702  1.00 30.44  ? 258 LEU A CA  1 
ATOM   106 C  C   . LEU A 1 13 ? -3.885  -9.972  16.534  1.00 20.67  ? 258 LEU A C   1 
ATOM   107 O  O   . LEU A 1 13 ? -3.877  -9.050  15.715  1.00 30.53  ? 258 LEU A O   1 
ATOM   108 C  CB  . LEU A 1 13 ? -5.946  -10.333 17.877  1.00 28.45  ? 258 LEU A CB  1 
ATOM   109 C  CG  . LEU A 1 13 ? -7.380  -10.801 18.074  1.00 21.48  ? 258 LEU A CG  1 
ATOM   110 C  CD1 . LEU A 1 13 ? -7.708  -10.693 19.550  1.00 16.79  ? 258 LEU A CD1 1 
ATOM   111 C  CD2 . LEU A 1 13 ? -8.324  -9.964  17.259  1.00 27.31  ? 258 LEU A CD2 1 
ATOM   112 N  N   . LYS A 1 14 ? -2.827  -10.245 17.286  1.00 25.68  ? 259 LYS A N   1 
ATOM   113 C  CA  . LYS A 1 14 ? -1.623  -9.442  17.123  1.00 26.74  ? 259 LYS A CA  1 
ATOM   114 C  C   . LYS A 1 14 ? -1.044  -9.600  15.717  1.00 36.14  ? 259 LYS A C   1 
ATOM   115 O  O   . LYS A 1 14 ? -0.566  -8.627  15.129  1.00 23.48  ? 259 LYS A O   1 
ATOM   116 C  CB  . LYS A 1 14 ? -0.583  -9.828  18.173  1.00 26.46  ? 259 LYS A CB  1 
ATOM   117 C  CG  . LYS A 1 14 ? 0.630   -8.938  18.158  1.00 25.50  ? 259 LYS A CG  1 
ATOM   118 C  CD  . LYS A 1 14 ? 1.755   -9.487  19.014  1.00 37.41  ? 259 LYS A CD  1 
ATOM   119 C  CE  . LYS A 1 14 ? 2.799   -8.403  19.287  1.00 44.49  ? 259 LYS A CE  1 
ATOM   120 N  NZ  . LYS A 1 14 ? 4.180   -8.944  19.264  1.00 48.27  ? 259 LYS A NZ  1 
ATOM   121 N  N   . ARG A 1 15 ? -1.076  -10.815 15.159  1.00 25.28  ? 260 ARG A N   1 
ATOM   122 C  CA  . ARG A 1 15 ? -0.484  -11.017 13.838  1.00 27.85  ? 260 ARG A CA  1 
ATOM   123 C  C   . ARG A 1 15 ? -1.272  -10.264 12.764  1.00 21.02  ? 260 ARG A C   1 
ATOM   124 O  O   . ARG A 1 15 ? -0.679  -9.546  11.951  1.00 25.24  ? 260 ARG A O   1 
ATOM   125 C  CB  . ARG A 1 15 ? -0.397  -12.515 13.509  1.00 28.37  ? 260 ARG A CB  1 
ATOM   126 C  CG  . ARG A 1 15 ? 0.915   -13.166 13.935  1.00 52.51  ? 260 ARG A CG  1 
ATOM   127 C  CD  . ARG A 1 15 ? 0.980   -14.664 13.570  1.00 44.75  ? 260 ARG A CD  1 
ATOM   128 N  NE  . ARG A 1 15 ? -0.134  -15.407 14.136  1.00 53.54  ? 260 ARG A NE  1 
ATOM   129 C  CZ  . ARG A 1 15 ? -0.074  -16.190 15.209  1.00 38.61  ? 260 ARG A CZ  1 
ATOM   130 N  NH1 . ARG A 1 15 ? 1.066   -16.390 15.862  1.00 34.62  ? 260 ARG A NH1 1 
ATOM   131 N  NH2 . ARG A 1 15 ? -1.178  -16.793 15.616  1.00 50.90  ? 260 ARG A NH2 1 
ATOM   132 N  N   . VAL A 1 16 ? -2.615  -10.397 12.769  1.00 20.33  ? 261 VAL A N   1 
ATOM   133 C  CA  . VAL A 1 16 ? -3.468  -9.728  11.782  1.00 13.09  ? 261 VAL A CA  1 
ATOM   134 C  C   . VAL A 1 16 ? -3.240  -8.219  11.816  1.00 20.16  ? 261 VAL A C   1 
ATOM   135 O  O   . VAL A 1 16 ? -3.159  -7.561  10.773  1.00 19.42  ? 261 VAL A O   1 
ATOM   136 C  CB  . VAL A 1 16 ? -4.952  -10.085 12.018  1.00 26.29  ? 261 VAL A CB  1 
ATOM   137 C  CG1 . VAL A 1 16 ? -5.862  -9.495  10.893  1.00 12.83  ? 261 VAL A CG1 1 
ATOM   138 C  CG2 . VAL A 1 16 ? -5.122  -11.554 12.057  1.00 14.51  ? 261 VAL A CG2 1 
ATOM   139 N  N   . GLU A 1 17 ? -3.081  -7.666  13.016  1.00 20.33  ? 262 GLU A N   1 
ATOM   140 C  CA  . GLU A 1 17 ? -2.772  -6.250  13.180  1.00 26.35  ? 262 GLU A CA  1 
ATOM   141 C  C   . GLU A 1 17 ? -1.517  -5.867  12.419  1.00 22.86  ? 262 GLU A C   1 
ATOM   142 O  O   . GLU A 1 17 ? -1.483  -4.856  11.705  1.00 29.72  ? 262 GLU A O   1 
ATOM   143 C  CB  . GLU A 1 17 ? -2.605  -5.953  14.671  1.00 31.88  ? 262 GLU A CB  1 
ATOM   144 C  CG  . GLU A 1 17 ? -3.014  -4.566  15.100  1.00 32.92  ? 262 GLU A CG  1 
ATOM   145 C  CD  . GLU A 1 17 ? -1.839  -3.637  15.170  1.00 55.89  ? 262 GLU A CD  1 
ATOM   146 O  OE1 . GLU A 1 17 ? -0.699  -4.105  14.932  1.00 59.97  ? 262 GLU A OE1 1 
ATOM   147 O  OE2 . GLU A 1 17 ? -2.052  -2.447  15.463  1.00 47.03  ? 262 GLU A OE2 1 
ATOM   148 N  N   . GLU A 1 18 ? -0.460  -6.667  12.563  1.00 26.66  ? 263 GLU A N   1 
ATOM   149 C  CA  . GLU A 1 18 ? 0.798   -6.304  11.923  1.00 28.76  ? 263 GLU A CA  1 
ATOM   150 C  C   . GLU A 1 18 ? 0.688   -6.423  10.416  1.00 23.71  ? 263 GLU A C   1 
ATOM   151 O  O   . GLU A 1 18 ? 1.343   -5.667  9.691   1.00 27.02  ? 263 GLU A O   1 
ATOM   152 C  CB  . GLU A 1 18 ? 1.928   -7.167  12.477  1.00 29.47  ? 263 GLU A CB  1 
ATOM   153 C  CG  . GLU A 1 18 ? 1.972   -7.112  13.991  1.00 33.85  ? 263 GLU A CG  1 
ATOM   154 C  CD  . GLU A 1 18 ? 3.052   -7.962  14.614  1.00 47.65  ? 263 GLU A CD  1 
ATOM   155 O  OE1 . GLU A 1 18 ? 3.264   -9.118  14.167  1.00 50.13  ? 263 GLU A OE1 1 
ATOM   156 O  OE2 . GLU A 1 18 ? 3.673   -7.464  15.580  1.00 62.40  ? 263 GLU A OE2 1 
ATOM   157 N  N   . GLU A 1 19 ? -0.174  -7.327  9.939   1.00 13.87  ? 264 GLU A N   1 
ATOM   158 C  CA  . GLU A 1 19 ? -0.473  -7.405  8.513   1.00 16.81  ? 264 GLU A CA  1 
ATOM   159 C  C   . GLU A 1 19 ? -1.224  -6.176  8.021   1.00 25.48  ? 264 GLU A C   1 
ATOM   160 O  O   . GLU A 1 19 ? -0.985  -5.712  6.899   1.00 28.88  ? 264 GLU A O   1 
ATOM   161 C  CB  . GLU A 1 19 ? -1.302  -8.650  8.227   1.00 23.06  ? 264 GLU A CB  1 
ATOM   162 C  CG  . GLU A 1 19 ? -0.677  -9.906  8.747   1.00 24.07  ? 264 GLU A CG  1 
ATOM   163 C  CD  . GLU A 1 19 ? -0.213  -10.812 7.628   1.00 59.59  ? 264 GLU A CD  1 
ATOM   164 O  OE1 . GLU A 1 19 ? 0.050   -11.996 7.929   1.00 53.69  ? 264 GLU A OE1 1 
ATOM   165 O  OE2 . GLU A 1 19 ? -0.129  -10.347 6.456   1.00 58.15  ? 264 GLU A OE2 1 
ATOM   166 N  N   . ILE A 1 20 ? -2.171  -5.661  8.814   1.00 18.05  ? 265 ILE A N   1 
ATOM   167 C  CA  . ILE A 1 20 ? -2.911  -4.494  8.365   1.00 22.05  ? 265 ILE A CA  1 
ATOM   168 C  C   . ILE A 1 20 ? -1.991  -3.284  8.310   1.00 19.03  ? 265 ILE A C   1 
ATOM   169 O  O   . ILE A 1 20 ? -2.057  -2.479  7.376   1.00 25.36  ? 265 ILE A O   1 
ATOM   170 C  CB  . ILE A 1 20 ? -4.148  -4.251  9.253   1.00 28.71  ? 265 ILE A CB  1 
ATOM   171 C  CG1 . ILE A 1 20 ? -5.099  -5.453  9.159   1.00 15.29  ? 265 ILE A CG1 1 
ATOM   172 C  CG2 . ILE A 1 20 ? -4.855  -2.909  8.891   1.00 7.10   ? 265 ILE A CG2 1 
ATOM   173 C  CD1 . ILE A 1 20 ? -5.598  -5.779  7.711   1.00 11.37  ? 265 ILE A CD1 1 
ATOM   174 N  N   . GLU A 1 21 ? -1.095  -3.141  9.285   1.00 24.48  ? 266 GLU A N   1 
ATOM   175 C  CA  . GLU A 1 21 ? -0.149  -2.031  9.204   1.00 31.51  ? 266 GLU A CA  1 
ATOM   176 C  C   . GLU A 1 21 ? 0.771   -2.184  7.997   1.00 27.14  ? 266 GLU A C   1 
ATOM   177 O  O   . GLU A 1 21 ? 1.085   -1.203  7.322   1.00 30.89  ? 266 GLU A O   1 
ATOM   178 C  CB  . GLU A 1 21 ? 0.665   -1.933  10.484  1.00 27.80  ? 266 GLU A CB  1 
ATOM   179 C  CG  . GLU A 1 21 ? -0.076  -1.237  11.595  1.00 51.47  ? 266 GLU A CG  1 
ATOM   180 C  CD  . GLU A 1 21 ? 0.640   -1.378  12.915  1.00 64.94  ? 266 GLU A CD  1 
ATOM   181 O  OE1 . GLU A 1 21 ? 1.889   -1.388  12.897  1.00 81.13  ? 266 GLU A OE1 1 
ATOM   182 O  OE2 . GLU A 1 21 ? -0.041  -1.497  13.959  1.00 50.22  ? 266 GLU A OE2 1 
ATOM   183 N  N   . GLU A 1 22 ? 1.203   -3.412  7.705   1.00 29.80  ? 267 GLU A N   1 
ATOM   184 C  CA  . GLU A 1 22 ? 2.056   -3.623  6.545   1.00 30.96  ? 267 GLU A CA  1 
ATOM   185 C  C   . GLU A 1 22 ? 1.309   -3.303  5.264   1.00 31.92  ? 267 GLU A C   1 
ATOM   186 O  O   . GLU A 1 22 ? 1.830   -2.609  4.380   1.00 31.62  ? 267 GLU A O   1 
ATOM   187 C  CB  . GLU A 1 22 ? 2.564   -5.059  6.516   1.00 14.55  ? 267 GLU A CB  1 
ATOM   188 C  CG  . GLU A 1 22 ? 3.303   -5.405  5.243   1.00 37.86  ? 267 GLU A CG  1 
ATOM   189 C  CD  . GLU A 1 22 ? 4.438   -4.439  4.909   1.00 40.37  ? 267 GLU A CD  1 
ATOM   190 O  OE1 . GLU A 1 22 ? 5.004   -3.791  5.822   1.00 56.95  ? 267 GLU A OE1 1 
ATOM   191 O  OE2 . GLU A 1 22 ? 4.758   -4.324  3.709   1.00 64.15  ? 267 GLU A OE2 1 
ATOM   192 N  N   . LEU A 1 23 ? 0.074   -3.799  5.160   1.00 28.92  ? 268 LEU A N   1 
ATOM   193 C  CA  . LEU A 1 23 ? -0.783  -3.481  4.026   1.00 23.79  ? 268 LEU A CA  1 
ATOM   194 C  C   . LEU A 1 23 ? -0.977  -1.980  3.881   1.00 29.11  ? 268 LEU A C   1 
ATOM   195 O  O   . LEU A 1 23 ? -0.922  -1.447  2.766   1.00 34.84  ? 268 LEU A O   1 
ATOM   196 C  CB  . LEU A 1 23 ? -2.128  -4.186  4.180   1.00 18.40  ? 268 LEU A CB  1 
ATOM   197 C  CG  . LEU A 1 23 ? -3.176  -3.929  3.102   1.00 33.80  ? 268 LEU A CG  1 
ATOM   198 C  CD1 . LEU A 1 23 ? -2.590  -4.209  1.730   1.00 20.13  ? 268 LEU A CD1 1 
ATOM   199 C  CD2 . LEU A 1 23 ? -4.385  -4.833  3.361   1.00 16.10  ? 268 LEU A CD2 1 
ATOM   200 N  N   . LYS A 1 24 ? -1.191  -1.273  4.990   1.00 25.30  ? 269 LYS A N   1 
ATOM   201 C  CA  . LYS A 1 24 ? -1.401  0.168   4.879   1.00 24.17  ? 269 LYS A CA  1 
ATOM   202 C  C   . LYS A 1 24 ? -0.138  0.854   4.377   1.00 29.94  ? 269 LYS A C   1 
ATOM   203 O  O   . LYS A 1 24 ? -0.204  1.822   3.612   1.00 31.57  ? 269 LYS A O   1 
ATOM   204 C  CB  . LYS A 1 24 ? -1.860  0.741   6.223   1.00 16.14  ? 269 LYS A CB  1 
ATOM   205 C  CG  . LYS A 1 24 ? -3.321  0.378   6.519   1.00 41.91  ? 269 LYS A CG  1 
ATOM   206 C  CD  . LYS A 1 24 ? -4.042  1.346   7.450   1.00 53.04  ? 269 LYS A CD  1 
ATOM   207 C  CE  . LYS A 1 24 ? -3.726  1.138   8.916   1.00 32.08  ? 269 LYS A CE  1 
ATOM   208 N  NZ  . LYS A 1 24 ? -2.798  2.207   9.388   1.00 41.39  ? 269 LYS A NZ  1 
ATOM   209 N  N   . ARG A 1 25 ? 1.021   0.331   4.766   1.00 32.97  ? 270 ARG A N   1 
ATOM   210 C  CA  . ARG A 1 25 ? 2.290   0.855   4.280   1.00 26.88  ? 270 ARG A CA  1 
ATOM   211 C  C   . ARG A 1 25 ? 2.414   0.647   2.775   1.00 39.58  ? 270 ARG A C   1 
ATOM   212 O  O   . ARG A 1 25 ? 2.837   1.548   2.048   1.00 29.92  ? 270 ARG A O   1 
ATOM   213 C  CB  . ARG A 1 25 ? 3.419   0.152   5.025   1.00 38.28  ? 270 ARG A CB  1 
ATOM   214 C  CG  . ARG A 1 25 ? 4.443   1.041   5.687   1.00 61.23  ? 270 ARG A CG  1 
ATOM   215 C  CD  . ARG A 1 25 ? 5.836   0.780   5.083   1.00 92.14  ? 270 ARG A CD  1 
ATOM   216 N  NE  . ARG A 1 25 ? 5.887   -0.466  4.313   1.00 95.76  ? 270 ARG A NE  1 
ATOM   217 C  CZ  . ARG A 1 25 ? 6.608   -0.641  3.206   1.00 89.49  ? 270 ARG A CZ  1 
ATOM   218 N  NH1 . ARG A 1 25 ? 7.344   0.360   2.727   1.00 59.09  ? 270 ARG A NH1 1 
ATOM   219 N  NH2 . ARG A 1 25 ? 6.579   -1.814  2.570   1.00 47.42  ? 270 ARG A NH2 1 
ATOM   220 N  N   . LYS A 1 26 ? 2.029   -0.539  2.287   1.00 31.55  ? 271 LYS A N   1 
ATOM   221 C  CA  . LYS A 1 26 ? 2.062   -0.793  0.852   1.00 22.30  ? 271 LYS A CA  1 
ATOM   222 C  C   . LYS A 1 26 ? 1.181   0.202   0.106   1.00 41.27  ? 271 LYS A C   1 
ATOM   223 O  O   . LYS A 1 26 ? 1.626   0.849   -0.848  1.00 39.36  ? 271 LYS A O   1 
ATOM   224 C  CB  . LYS A 1 26 ? 1.598   -2.217  0.536   1.00 32.68  ? 271 LYS A CB  1 
ATOM   225 C  CG  . LYS A 1 26 ? 2.607   -3.315  0.750   1.00 42.26  ? 271 LYS A CG  1 
ATOM   226 C  CD  . LYS A 1 26 ? 2.085   -4.590  0.088   1.00 56.53  ? 271 LYS A CD  1 
ATOM   227 C  CE  . LYS A 1 26 ? 3.080   -5.741  0.184   1.00 82.01  ? 271 LYS A CE  1 
ATOM   228 N  NZ  . LYS A 1 26 ? 3.515   -6.001  1.591   1.00 68.45  ? 271 LYS A NZ  1 
ATOM   229 N  N   . ILE A 1 27 ? -0.083  0.324   0.528   1.00 28.23  ? 272 ILE A N   1 
ATOM   230 C  CA  . ILE A 1 27 ? -1.036  1.162   -0.188  1.00 22.02  ? 272 ILE A CA  1 
ATOM   231 C  C   . ILE A 1 27 ? -0.469  2.560   -0.376  1.00 32.20  ? 272 ILE A C   1 
ATOM   232 O  O   . ILE A 1 27 ? -0.559  3.145   -1.463  1.00 26.58  ? 272 ILE A O   1 
ATOM   233 C  CB  . ILE A 1 27 ? -2.377  1.199   0.563   1.00 21.89  ? 272 ILE A CB  1 
ATOM   234 C  CG1 . ILE A 1 27 ? -3.009  -0.191  0.615   1.00 36.02  ? 272 ILE A CG1 1 
ATOM   235 C  CG2 . ILE A 1 27 ? -3.326  2.221   -0.088  1.00 29.13  ? 272 ILE A CG2 1 
ATOM   236 C  CD1 . ILE A 1 27 ? -4.122  -0.317  1.688   1.00 11.38  ? 272 ILE A CD1 1 
ATOM   237 N  N   . LEU A 1 28 ? 0.149   3.103   0.672   1.00 24.02  ? 273 LEU A N   1 
ATOM   238 C  CA  . LEU A 1 28 ? 0.737   4.434   0.586   1.00 29.67  ? 273 LEU A CA  1 
ATOM   239 C  C   . LEU A 1 28 ? 1.909   4.474   -0.387  1.00 38.14  ? 273 LEU A C   1 
ATOM   240 O  O   . LEU A 1 28 ? 2.019   5.413   -1.176  1.00 30.46  ? 273 LEU A O   1 
ATOM   241 C  CB  . LEU A 1 28 ? 1.186   4.900   1.962   1.00 27.10  ? 273 LEU A CB  1 
ATOM   242 C  CG  . LEU A 1 28 ? 0.000   5.225   2.867   1.00 48.64  ? 273 LEU A CG  1 
ATOM   243 C  CD1 . LEU A 1 28 ? 0.482   5.741   4.191   1.00 31.52  ? 273 LEU A CD1 1 
ATOM   244 C  CD2 . LEU A 1 28 ? -0.898  6.240   2.186   1.00 24.94  ? 273 LEU A CD2 1 
ATOM   245 N  N   . VAL A 1 29 ? 2.807   3.482   -0.342  1.00 29.31  ? 274 VAL A N   1 
ATOM   246 C  CA  . VAL A 1 29 ? 3.842   3.412   -1.371  1.00 32.45  ? 274 VAL A CA  1 
ATOM   247 C  C   . VAL A 1 29 ? 3.193   3.426   -2.747  1.00 26.19  ? 274 VAL A C   1 
ATOM   248 O  O   . VAL A 1 29 ? 3.595   4.185   -3.640  1.00 33.44  ? 274 VAL A O   1 
ATOM   249 C  CB  . VAL A 1 29 ? 4.734   2.168   -1.179  1.00 36.15  ? 274 VAL A CB  1 
ATOM   250 C  CG1 . VAL A 1 29 ? 5.664   1.975   -2.396  1.00 24.74  ? 274 VAL A CG1 1 
ATOM   251 C  CG2 . VAL A 1 29 ? 5.539   2.301   0.059   1.00 24.29  ? 274 VAL A CG2 1 
ATOM   252 N  N   . ARG A 1 30 ? 2.138   2.628   -2.922  1.00 22.86  ? 275 ARG A N   1 
ATOM   253 C  CA  . ARG A 1 30 ? 1.505   2.541   -4.233  1.00 27.32  ? 275 ARG A CA  1 
ATOM   254 C  C   . ARG A 1 30 ? 0.820   3.845   -4.655  1.00 26.64  ? 275 ARG A C   1 
ATOM   255 O  O   . ARG A 1 30 ? 0.818   4.174   -5.848  1.00 27.28  ? 275 ARG A O   1 
ATOM   256 C  CB  . ARG A 1 30 ? 0.517   1.392   -4.255  1.00 23.25  ? 275 ARG A CB  1 
ATOM   257 C  CG  . ARG A 1 30 ? -0.180  1.276   -5.586  1.00 36.89  ? 275 ARG A CG  1 
ATOM   258 C  CD  . ARG A 1 30 ? 0.811   1.021   -6.678  1.00 49.77  ? 275 ARG A CD  1 
ATOM   259 N  NE  . ARG A 1 30 ? 0.931   -0.416  -6.861  1.00 61.38  ? 275 ARG A NE  1 
ATOM   260 C  CZ  . ARG A 1 30 ? 0.969   -1.003  -8.047  1.00 50.38  ? 275 ARG A CZ  1 
ATOM   261 N  NH1 . ARG A 1 30 ? 0.903   -0.262  -9.156  1.00 32.55  ? 275 ARG A NH1 1 
ATOM   262 N  NH2 . ARG A 1 30 ? 1.057   -2.325  -8.113  1.00 50.90  ? 275 ARG A NH2 1 
ATOM   263 N  N   . LYS A 1 31 ? 0.232   4.605   -3.729  1.00 20.34  ? 276 LYS A N   1 
ATOM   264 C  CA  . LYS A 1 31 ? -0.374  5.868   -4.148  1.00 37.36  ? 276 LYS A CA  1 
ATOM   265 C  C   . LYS A 1 31 ? 0.693   6.811   -4.687  1.00 37.09  ? 276 LYS A C   1 
ATOM   266 O  O   . LYS A 1 31 ? 0.539   7.369   -5.781  1.00 37.99  ? 276 LYS A O   1 
ATOM   267 C  CB  . LYS A 1 31 ? -1.174  6.531   -3.007  1.00 33.87  ? 276 LYS A CB  1 
ATOM   268 C  CG  . LYS A 1 31 ? -2.415  5.733   -2.541  1.00 45.11  ? 276 LYS A CG  1 
ATOM   269 C  CD  . LYS A 1 31 ? -3.448  6.617   -1.831  1.00 64.22  ? 276 LYS A CD  1 
ATOM   270 C  CE  . LYS A 1 31 ? -4.574  5.797   -1.162  1.00 42.54  ? 276 LYS A CE  1 
ATOM   271 N  NZ  . LYS A 1 31 ? -5.716  5.479   -2.077  1.00 51.21  ? 276 LYS A NZ  1 
ATOM   272 N  N   . LYS A 1 32 ? 1.820   6.951   -3.960  1.00 30.50  ? 277 LYS A N   1 
ATOM   273 C  CA  . LYS A 1 32 ? 2.897   7.828   -4.425  1.00 33.95  ? 277 LYS A CA  1 
ATOM   274 C  C   . LYS A 1 32 ? 3.477   7.334   -5.747  1.00 21.80  ? 277 LYS A C   1 
ATOM   275 O  O   . LYS A 1 32 ? 3.645   8.116   -6.684  1.00 25.71  ? 277 LYS A O   1 
ATOM   276 C  CB  . LYS A 1 32 ? 3.987   7.949   -3.363  1.00 40.91  ? 277 LYS A CB  1 
ATOM   277 C  CG  . LYS A 1 32 ? 4.924   9.129   -3.607  1.00 51.91  ? 277 LYS A CG  1 
ATOM   278 C  CD  . LYS A 1 32 ? 5.797   9.433   -2.392  1.00 46.53  ? 277 LYS A CD  1 
ATOM   279 C  CE  . LYS A 1 32 ? 6.822   8.327   -2.148  1.00 70.23  ? 277 LYS A CE  1 
ATOM   280 N  NZ  . LYS A 1 32 ? 8.014   8.795   -1.367  1.00 56.54  ? 277 LYS A NZ  1 
ATOM   281 N  N   . HIS A 1 33 ? 3.708   6.029   -5.872  1.00 16.36  ? 278 HIS A N   1 
ATOM   282 C  CA  . HIS A 1 33 ? 4.069   5.466   -7.170  1.00 23.95  ? 278 HIS A CA  1 
ATOM   283 C  C   . HIS A 1 33 ? 3.126   5.932   -8.272  1.00 23.29  ? 278 HIS A C   1 
ATOM   284 O  O   . HIS A 1 33 ? 3.576   6.426   -9.314  1.00 29.39  ? 278 HIS A O   1 
ATOM   285 C  CB  . HIS A 1 33 ? 4.083   3.936   -7.093  1.00 15.13  ? 278 HIS A CB  1 
ATOM   286 C  CG  . HIS A 1 33 ? 4.363   3.266   -8.403  1.00 28.64  ? 278 HIS A CG  1 
ATOM   287 N  ND1 . HIS A 1 33 ? 3.380   3.029   -9.343  1.00 35.97  ? 278 HIS A ND1 1 
ATOM   288 C  CD2 . HIS A 1 33 ? 5.512   2.766   -8.927  1.00 33.76  ? 278 HIS A CD2 1 
ATOM   289 C  CE1 . HIS A 1 33 ? 3.911   2.415   -10.389 1.00 37.38  ? 278 HIS A CE1 1 
ATOM   290 N  NE2 . HIS A 1 33 ? 5.201   2.236   -10.161 1.00 26.32  ? 278 HIS A NE2 1 
ATOM   291 N  N   . ASP A 1 34 ? 1.804   5.782   -8.069  1.00 34.50  ? 279 ASP A N   1 
ATOM   292 C  CA  . ASP A 1 34 ? 0.877   6.045   -9.173  1.00 23.27  ? 279 ASP A CA  1 
ATOM   293 C  C   . ASP A 1 34 ? 0.730   7.544   -9.456  1.00 28.49  ? 279 ASP A C   1 
ATOM   294 O  O   . ASP A 1 34 ? 0.496   7.946   -10.598 1.00 21.77  ? 279 ASP A O   1 
ATOM   295 C  CB  . ASP A 1 34 ? -0.490  5.429   -8.888  1.00 28.40  ? 279 ASP A CB  1 
ATOM   296 C  CG  . ASP A 1 34 ? -0.480  3.903   -8.913  1.00 32.58  ? 279 ASP A CG  1 
ATOM   297 O  OD1 . ASP A 1 34 ? 0.457   3.304   -9.498  1.00 35.33  ? 279 ASP A OD1 1 
ATOM   298 O  OD2 . ASP A 1 34 ? -1.434  3.312   -8.352  1.00 26.89  ? 279 ASP A OD2 1 
ATOM   299 N  N   . LEU A 1 35 ? 0.876   8.400   -8.453  1.00 19.34  ? 280 LEU A N   1 
ATOM   300 C  CA  . LEU A 1 35 ? 0.880   9.822   -8.765  1.00 22.98  ? 280 LEU A CA  1 
ATOM   301 C  C   . LEU A 1 35 ? 2.086   10.156  -9.634  1.00 34.98  ? 280 LEU A C   1 
ATOM   302 O  O   . LEU A 1 35 ? 1.957   10.800  -10.680 1.00 39.77  ? 280 LEU A O   1 
ATOM   303 C  CB  . LEU A 1 35 ? 0.865   10.643  -7.470  1.00 17.51  ? 280 LEU A CB  1 
ATOM   304 C  CG  . LEU A 1 35 ? -0.482  10.466  -6.767  1.00 50.81  ? 280 LEU A CG  1 
ATOM   305 C  CD1 . LEU A 1 35 ? -0.442  11.087  -5.383  1.00 48.74  ? 280 LEU A CD1 1 
ATOM   306 C  CD2 . LEU A 1 35 ? -1.628  11.033  -7.643  1.00 41.68  ? 280 LEU A CD2 1 
ATOM   307 N  N   . ARG A 1 36 ? 3.261   9.653   -9.247  1.00 35.31  ? 281 ARG A N   1 
ATOM   308 C  CA  . ARG A 1 36 ? 4.469   9.901   -10.015 1.00 24.78  ? 281 ARG A CA  1 
ATOM   309 C  C   . ARG A 1 36 ? 4.351   9.347   -11.425 1.00 30.64  ? 281 ARG A C   1 
ATOM   310 O  O   . ARG A 1 36 ? 4.825   9.970   -12.381 1.00 25.98  ? 281 ARG A O   1 
ATOM   311 C  CB  . ARG A 1 36 ? 5.678   9.304   -9.291  1.00 30.31  ? 281 ARG A CB  1 
ATOM   312 C  CG  . ARG A 1 36 ? 6.166   10.172  -8.170  1.00 20.26  ? 281 ARG A CG  1 
ATOM   313 C  CD  . ARG A 1 36 ? 6.998   9.372   -7.212  1.00 25.04  ? 281 ARG A CD  1 
ATOM   314 N  NE  . ARG A 1 36 ? 7.663   10.261  -6.260  1.00 44.36  ? 281 ARG A NE  1 
ATOM   315 C  CZ  . ARG A 1 36 ? 8.510   9.856   -5.316  1.00 51.47  ? 281 ARG A CZ  1 
ATOM   316 N  NH1 . ARG A 1 36 ? 8.815   8.565   -5.182  1.00 35.69  ? 281 ARG A NH1 1 
ATOM   317 N  NH2 . ARG A 1 36 ? 9.050   10.745  -4.500  1.00 28.76  ? 281 ARG A NH2 1 
ATOM   318 N  N   . LYS A 1 37 ? 3.745   8.165   -11.577 1.00 25.00  ? 282 LYS A N   1 
ATOM   319 C  CA  . LYS A 1 37 ? 3.554   7.619   -12.919 1.00 21.64  ? 282 LYS A CA  1 
ATOM   320 C  C   . LYS A 1 37 ? 2.619   8.518   -13.736 1.00 39.89  ? 282 LYS A C   1 
ATOM   321 O  O   . LYS A 1 37 ? 2.864   8.798   -14.913 1.00 33.36  ? 282 LYS A O   1 
ATOM   322 C  CB  . LYS A 1 37 ? 3.019   6.190   -12.793 1.00 32.84  ? 282 LYS A CB  1 
ATOM   323 C  CG  . LYS A 1 37 ? 2.803   5.416   -14.073 1.00 25.95  ? 282 LYS A CG  1 
ATOM   324 C  CD  . LYS A 1 37 ? 4.071   5.318   -14.885 1.00 60.23  ? 282 LYS A CD  1 
ATOM   325 C  CE  . LYS A 1 37 ? 3.863   4.478   -16.145 1.00 78.95  ? 282 LYS A CE  1 
ATOM   326 N  NZ  . LYS A 1 37 ? 4.750   4.934   -17.262 1.00 71.70  ? 282 LYS A NZ  1 
ATOM   327 N  N   . LEU A 1 38 ? 1.558   9.013   -13.114 1.00 38.10  ? 283 LEU A N   1 
ATOM   328 C  CA  . LEU A 1 38 ? 0.647   9.888   -13.829 1.00 26.46  ? 283 LEU A CA  1 
ATOM   329 C  C   . LEU A 1 38 ? 1.367   11.155  -14.248 1.00 33.23  ? 283 LEU A C   1 
ATOM   330 O  O   . LEU A 1 38 ? 1.328   11.555  -15.415 1.00 32.41  ? 283 LEU A O   1 
ATOM   331 C  CB  . LEU A 1 38 ? -0.543  10.211  -12.928 1.00 37.00  ? 283 LEU A CB  1 
ATOM   332 C  CG  . LEU A 1 38 ? -1.877  10.613  -13.528 1.00 49.01  ? 283 LEU A CG  1 
ATOM   333 C  CD1 . LEU A 1 38 ? -2.540  9.394   -14.119 1.00 44.10  ? 283 LEU A CD1 1 
ATOM   334 C  CD2 . LEU A 1 38 ? -2.728  11.234  -12.426 1.00 40.01  ? 283 LEU A CD2 1 
ATOM   335 N  N   . SER A 1 39 ? 2.062   11.781  -13.299 1.00 27.00  ? 284 SER A N   1 
ATOM   336 C  CA  . SER A 1 39 ? 2.795   12.999  -13.575 1.00 27.23  ? 284 SER A CA  1 
ATOM   337 C  C   . SER A 1 39 ? 3.759   12.811  -14.753 1.00 38.19  ? 284 SER A C   1 
ATOM   338 O  O   . SER A 1 39 ? 3.769   13.611  -15.693 1.00 39.48  ? 284 SER A O   1 
ATOM   339 C  CB  . SER A 1 39 ? 3.524   13.423  -12.306 1.00 34.36  ? 284 SER A CB  1 
ATOM   340 O  OG  . SER A 1 39 ? 3.931   14.779  -12.390 1.00 43.02  ? 284 SER A OG  1 
ATOM   341 N  N   . LEU A 1 40 ? 4.535   11.722  -14.751 1.00 28.84  ? 285 LEU A N   1 
ATOM   342 C  CA  . LEU A 1 40 ? 5.454   11.476  -15.853 1.00 27.34  ? 285 LEU A CA  1 
ATOM   343 C  C   . LEU A 1 40 ? 4.717   11.336  -17.169 1.00 24.65  ? 285 LEU A C   1 
ATOM   344 O  O   . LEU A 1 40 ? 5.150   11.880  -18.198 1.00 30.31  ? 285 LEU A O   1 
ATOM   345 C  CB  . LEU A 1 40 ? 6.283   10.225  -15.594 1.00 23.87  ? 285 LEU A CB  1 
ATOM   346 C  CG  . LEU A 1 40 ? 7.171   9.865   -16.787 1.00 31.08  ? 285 LEU A CG  1 
ATOM   347 C  CD1 . LEU A 1 40 ? 8.103   11.022  -17.186 1.00 20.03  ? 285 LEU A CD1 1 
ATOM   348 C  CD2 . LEU A 1 40 ? 7.961   8.597   -16.502 1.00 25.38  ? 285 LEU A CD2 1 
ATOM   349 N  N   . ASN A 1 41 ? 3.605   10.600  -17.158 1.00 41.30  ? 286 ASN A N   1 
ATOM   350 C  CA  . ASN A 1 41 ? 2.804   10.429  -18.364 1.00 24.20  ? 286 ASN A CA  1 
ATOM   351 C  C   . ASN A 1 41 ? 2.353   11.776  -18.928 1.00 31.88  ? 286 ASN A C   1 
ATOM   352 O  O   . ASN A 1 41 ? 2.377   11.983  -20.146 1.00 26.66  ? 286 ASN A O   1 
ATOM   353 C  CB  . ASN A 1 41 ? 1.611   9.517   -18.057 1.00 34.76  ? 286 ASN A CB  1 
ATOM   354 C  CG  . ASN A 1 41 ? 1.969   8.030   -18.145 1.00 48.48  ? 286 ASN A CG  1 
ATOM   355 O  OD1 . ASN A 1 41 ? 3.045   7.658   -18.626 1.00 52.18  ? 286 ASN A OD1 1 
ATOM   356 N  ND2 . ASN A 1 41 ? 1.056   7.178   -17.694 1.00 45.15  ? 286 ASN A ND2 1 
ATOM   357 N  N   . ASN A 1 42 ? 1.994   12.726  -18.061 1.00 19.98  ? 287 ASN A N   1 
ATOM   358 C  CA  . ASN A 1 42 ? 1.617   14.033  -18.585 1.00 28.81  ? 287 ASN A CA  1 
ATOM   359 C  C   . ASN A 1 42 ? 2.812   14.758  -19.195 1.00 35.07  ? 287 ASN A C   1 
ATOM   360 O  O   . ASN A 1 42 ? 2.702   15.307  -20.300 1.00 35.00  ? 287 ASN A O   1 
ATOM   361 C  CB  . ASN A 1 42 ? 0.956   14.877  -17.497 1.00 28.57  ? 287 ASN A CB  1 
ATOM   362 C  CG  . ASN A 1 42 ? -0.331  14.240  -16.991 1.00 77.46  ? 287 ASN A CG  1 
ATOM   363 O  OD1 . ASN A 1 42 ? -0.950  13.428  -17.701 1.00 66.87  ? 287 ASN A OD1 1 
ATOM   364 N  ND2 . ASN A 1 42 ? -0.730  14.579  -15.761 1.00 56.55  ? 287 ASN A ND2 1 
ATOM   365 N  N   . GLN A 1 43 ? 3.957   14.770  -18.491 1.00 32.57  ? 288 GLN A N   1 
ATOM   366 C  CA  . GLN A 1 43 ? 5.173   15.386  -19.028 1.00 23.67  ? 288 GLN A CA  1 
ATOM   367 C  C   . GLN A 1 43 ? 5.528   14.836  -20.411 1.00 23.66  ? 288 GLN A C   1 
ATOM   368 O  O   . GLN A 1 43 ? 5.900   15.599  -21.306 1.00 23.88  ? 288 GLN A O   1 
ATOM   369 C  CB  . GLN A 1 43 ? 6.336   15.176  -18.058 1.00 30.30  ? 288 GLN A CB  1 
ATOM   370 C  CG  . GLN A 1 43 ? 6.231   15.961  -16.783 1.00 32.36  ? 288 GLN A CG  1 
ATOM   371 C  CD  . GLN A 1 43 ? 6.153   17.448  -17.035 1.00 60.89  ? 288 GLN A CD  1 
ATOM   372 O  OE1 . GLN A 1 43 ? 6.820   17.972  -17.926 1.00 72.01  ? 288 GLN A OE1 1 
ATOM   373 N  NE2 . GLN A 1 43 ? 5.337   18.141  -16.255 1.00 35.92  ? 288 GLN A NE2 1 
ATOM   374 N  N   . LEU A 1 44 ? 5.403   13.520  -20.618 1.00 24.98  ? 289 LEU A N   1 
ATOM   375 C  CA  . LEU A 1 44 ? 5.704   12.948  -21.931 1.00 28.40  ? 289 LEU A CA  1 
ATOM   376 C  C   . LEU A 1 44 ? 4.692   13.397  -22.974 1.00 36.04  ? 289 LEU A C   1 
ATOM   377 O  O   . LEU A 1 44 ? 5.051   13.629  -24.136 1.00 32.42  ? 289 LEU A O   1 
ATOM   378 C  CB  . LEU A 1 44 ? 5.745   11.413  -21.859 1.00 21.48  ? 289 LEU A CB  1 
ATOM   379 C  CG  . LEU A 1 44 ? 6.931   10.858  -21.055 1.00 48.38  ? 289 LEU A CG  1 
ATOM   380 C  CD1 . LEU A 1 44 ? 6.772   9.390   -20.782 1.00 28.46  ? 289 LEU A CD1 1 
ATOM   381 C  CD2 . LEU A 1 44 ? 8.257   11.126  -21.769 1.00 19.84  ? 289 LEU A CD2 1 
ATOM   382 N  N   . GLN A 1 45 ? 3.422   13.528  -22.580 1.00 27.92  ? 290 GLN A N   1 
ATOM   383 C  CA  . GLN A 1 45 ? 2.415   14.013  -23.516 1.00 41.66  ? 290 GLN A CA  1 
ATOM   384 C  C   . GLN A 1 45 ? 2.683   15.467  -23.917 1.00 31.01  ? 290 GLN A C   1 
ATOM   385 O  O   . GLN A 1 45 ? 2.661   15.807  -25.103 1.00 33.71  ? 290 GLN A O   1 
ATOM   386 C  CB  . GLN A 1 45 ? 1.028   13.829  -22.906 1.00 35.29  ? 290 GLN A CB  1 
ATOM   387 C  CG  . GLN A 1 45 ? 0.451   12.439  -23.187 1.00 53.11  ? 290 GLN A CG  1 
ATOM   388 C  CD  . GLN A 1 45 ? -0.609  11.977  -22.168 1.00 83.52  ? 290 GLN A CD  1 
ATOM   389 O  OE1 . GLN A 1 45 ? -1.110  12.758  -21.345 1.00 76.26  ? 290 GLN A OE1 1 
ATOM   390 N  NE2 . GLN A 1 45 ? -0.943  10.690  -22.223 1.00 62.82  ? 290 GLN A NE2 1 
ATOM   391 N  N   . GLU A 1 46 ? 2.968   16.337  -22.948 1.00 22.87  ? 291 GLU A N   1 
ATOM   392 C  CA  . GLU A 1 46 ? 3.337   17.700  -23.298 1.00 34.85  ? 291 GLU A CA  1 
ATOM   393 C  C   . GLU A 1 46 ? 4.536   17.715  -24.234 1.00 40.35  ? 291 GLU A C   1 
ATOM   394 O  O   . GLU A 1 46 ? 4.592   18.516  -25.172 1.00 57.35  ? 291 GLU A O   1 
ATOM   395 C  CB  . GLU A 1 46 ? 3.643   18.504  -22.037 1.00 28.91  ? 291 GLU A CB  1 
ATOM   396 C  CG  . GLU A 1 46 ? 2.500   18.573  -21.075 1.00 45.00  ? 291 GLU A CG  1 
ATOM   397 C  CD  . GLU A 1 46 ? 2.753   19.553  -19.948 1.00 75.78  ? 291 GLU A CD  1 
ATOM   398 O  OE1 . GLU A 1 46 ? 3.908   20.031  -19.810 1.00 60.55  ? 291 GLU A OE1 1 
ATOM   399 O  OE2 . GLU A 1 46 ? 1.782   19.844  -19.208 1.00 50.29  ? 291 GLU A OE2 1 
ATOM   400 N  N   . LEU A 1 47 ? 5.504   16.824  -23.999 1.00 30.74  ? 292 LEU A N   1 
ATOM   401 C  CA  . LEU A 1 47 ? 6.698   16.796  -24.834 1.00 28.53  ? 292 LEU A CA  1 
ATOM   402 C  C   . LEU A 1 47 ? 6.368   16.381  -26.261 1.00 28.87  ? 292 LEU A C   1 
ATOM   403 O  O   . LEU A 1 47 ? 6.821   17.021  -27.217 1.00 45.29  ? 292 LEU A O   1 
ATOM   404 C  CB  . LEU A 1 47 ? 7.740   15.860  -24.228 1.00 25.71  ? 292 LEU A CB  1 
ATOM   405 C  CG  . LEU A 1 47 ? 8.884   15.492  -25.174 1.00 24.48  ? 292 LEU A CG  1 
ATOM   406 C  CD1 . LEU A 1 47 ? 9.658   16.755  -25.509 1.00 27.16  ? 292 LEU A CD1 1 
ATOM   407 C  CD2 . LEU A 1 47 ? 9.796   14.449  -24.579 1.00 17.13  ? 292 LEU A CD2 1 
ATOM   408 N  N   . GLN A 1 48 ? 5.621   15.282  -26.420 1.00 36.81  ? 293 GLN A N   1 
ATOM   409 C  CA  . GLN A 1 48 ? 5.147   14.855  -27.739 1.00 38.01  ? 293 GLN A CA  1 
ATOM   410 C  C   . GLN A 1 48 ? 4.460   15.992  -28.494 1.00 51.67  ? 293 GLN A C   1 
ATOM   411 O  O   . GLN A 1 48 ? 4.733   16.226  -29.676 1.00 39.84  ? 293 GLN A O   1 
ATOM   412 C  CB  . GLN A 1 48 ? 4.177   13.687  -27.586 1.00 37.79  ? 293 GLN A CB  1 
ATOM   413 C  CG  . GLN A 1 48 ? 3.553   13.265  -28.894 1.00 37.17  ? 293 GLN A CG  1 
ATOM   414 C  CD  . GLN A 1 48 ? 4.585   12.746  -29.864 1.00 45.90  ? 293 GLN A CD  1 
ATOM   415 O  OE1 . GLN A 1 48 ? 4.996   11.590  -29.783 1.00 60.31  ? 293 GLN A OE1 1 
ATOM   416 N  NE2 . GLN A 1 48 ? 5.020   13.595  -30.783 1.00 55.41  ? 293 GLN A NE2 1 
ATOM   417 N  N   . SER A 1 49 ? 3.556   16.710  -27.822 1.00 42.03  ? 294 SER A N   1 
ATOM   418 C  CA  . SER A 1 49 ? 2.802   17.751  -28.504 1.00 46.20  ? 294 SER A CA  1 
ATOM   419 C  C   . SER A 1 49 ? 3.692   18.928  -28.870 1.00 38.20  ? 294 SER A C   1 
ATOM   420 O  O   . SER A 1 49 ? 3.502   19.546  -29.924 1.00 41.72  ? 294 SER A O   1 
ATOM   421 C  CB  . SER A 1 49 ? 1.627   18.205  -27.633 1.00 39.34  ? 294 SER A CB  1 
ATOM   422 O  OG  . SER A 1 49 ? 2.018   19.237  -26.756 1.00 58.47  ? 294 SER A OG  1 
HETATM 423 N  N   . MSE A 1 50 ? 4.655   19.254  -28.021 1.00 47.94  ? 295 MSE A N   1 
HETATM 424 C  CA  . MSE A 1 50 ? 5.677   20.255  -28.326 1.00 38.13  ? 295 MSE A CA  1 
HETATM 425 C  C   . MSE A 1 50 ? 6.475   19.925  -29.617 1.00 45.27  ? 295 MSE A C   1 
HETATM 426 O  O   . MSE A 1 50 ? 6.774   20.805  -30.421 1.00 44.15  ? 295 MSE A O   1 
HETATM 427 C  CB  . MSE A 1 50 ? 6.604   20.383  -27.115 1.00 36.77  ? 295 MSE A CB  1 
HETATM 428 C  CG  . MSE A 1 50 ? 7.689   21.434  -27.217 1.00 57.78  ? 295 MSE A CG  1 
HETATM 429 SE SE  . MSE A 1 50 ? 8.520   21.718  -25.461 1.00 76.20  ? 295 MSE A SE  1 
HETATM 430 C  CE  . MSE A 1 50 ? 6.903   21.540  -24.411 1.00 36.78  ? 295 MSE A CE  1 
HETATM 431 N  N   . MSE A 1 51 ? 6.806   18.657  -29.826 1.00 44.14  ? 296 MSE A N   1 
HETATM 432 C  CA  . MSE A 1 51 ? 7.477   18.272  -31.066 1.00 51.75  ? 296 MSE A CA  1 
HETATM 433 C  C   . MSE A 1 51 ? 6.468   18.233  -32.231 1.00 61.43  ? 296 MSE A C   1 
HETATM 434 O  O   . MSE A 1 51 ? 6.860   18.295  -33.400 1.00 62.71  ? 296 MSE A O   1 
HETATM 435 C  CB  . MSE A 1 51 ? 8.192   16.913  -30.919 1.00 46.31  ? 296 MSE A CB  1 
HETATM 436 C  CG  . MSE A 1 51 ? 9.402   16.853  -29.949 1.00 25.71  ? 296 MSE A CG  1 
HETATM 437 SE SE  . MSE A 1 51 ? 10.450  18.490  -29.636 1.00 72.35  ? 296 MSE A SE  1 
HETATM 438 C  CE  . MSE A 1 51 ? 11.588  18.446  -31.222 1.00 72.20  ? 296 MSE A CE  1 
ATOM   439 N  N   . ASP A 1 52 ? 5.169   18.137  -31.905 1.00 74.59  ? 297 ASP A N   1 
ATOM   440 C  CA  . ASP A 1 52 ? 4.132   18.144  -32.939 1.00 70.09  ? 297 ASP A CA  1 
ATOM   441 C  C   . ASP A 1 52 ? 3.961   19.540  -33.533 1.00 75.02  ? 297 ASP A C   1 
ATOM   442 O  O   . ASP A 1 52 ? 4.031   19.723  -34.753 1.00 86.33  ? 297 ASP A O   1 
ATOM   443 C  CB  . ASP A 1 52 ? 2.795   17.636  -32.375 1.00 52.96  ? 297 ASP A CB  1 
ATOM   444 C  CG  . ASP A 1 52 ? 2.725   16.105  -32.247 1.00 78.50  ? 297 ASP A CG  1 
ATOM   445 O  OD1 . ASP A 1 52 ? 3.627   15.386  -32.752 1.00 66.06  ? 297 ASP A OD1 1 
ATOM   446 O  OD2 . ASP A 1 52 ? 1.743   15.616  -31.637 1.00 71.54  ? 297 ASP A OD2 1 
ATOM   447 N  N   . GLY A 1 53 ? 3.738   20.537  -32.685 1.00 69.48  ? 298 GLY A N   1 
ATOM   448 C  CA  . GLY A 1 53 ? 3.576   21.902  -33.138 1.00 82.61  ? 298 GLY A CA  1 
ATOM   449 C  C   . GLY A 1 53 ? 4.055   22.911  -32.114 1.00 86.99  ? 298 GLY A C   1 
ATOM   450 O  O   . GLY A 1 53 ? 3.444   23.963  -31.929 1.00 101.92 ? 298 GLY A O   1 
HETATM 451 O  O   . HOH B 2 .  ? -2.352  -18.085 17.231  1.00 33.41  ? 301 HOH A O   1 
HETATM 452 O  O   . HOH B 2 .  ? -1.237  -14.640 23.309  1.00 31.17  ? 302 HOH A O   1 
HETATM 453 O  O   . HOH B 2 .  ? 0.640   1.423   -11.307 1.00 44.69  ? 303 HOH A O   1 
HETATM 454 O  O   . HOH B 2 .  ? 3.724   -4.701  10.601  1.00 36.79  ? 304 HOH A O   1 
HETATM 455 O  O   . HOH B 2 .  ? -3.601  -12.424 25.878  1.00 40.09  ? 305 HOH A O   1 
HETATM 456 O  O   . HOH B 2 .  ? 1.120   -2.254  -4.605  1.00 37.67  ? 306 HOH A O   1 
HETATM 457 O  O   . HOH B 2 .  ? 7.073   11.619  -11.317 1.00 42.76  ? 307 HOH A O   1 
HETATM 458 O  O   . HOH B 2 .  ? 0.244   -7.430  4.782   1.00 41.44  ? 308 HOH A O   1 
HETATM 459 O  O   . HOH B 2 .  ? -2.207  -14.927 10.145  1.00 28.97  ? 309 HOH A O   1 
HETATM 460 O  O   . HOH B 2 .  ? 11.043  8.847   -2.546  1.00 56.41  ? 310 HOH A O   1 
# 
